data_8JNC
#
_entry.id   8JNC
#
_cell.length_a   91.895
_cell.length_b   81.948
_cell.length_c   143.838
_cell.angle_alpha   90.00
_cell.angle_beta   94.30
_cell.angle_gamma   90.00
#
_symmetry.space_group_name_H-M   'I 1 2 1'
#
loop_
_entity.id
_entity.type
_entity.pdbx_description
1 polymer 'Cytochrome P450'
2 non-polymer 'PROTOPORPHYRIN IX CONTAINING FE'
3 non-polymer (1Z,3E,5S,8R,9S,10S,11R,13R,15R,16S,18Z,24S,25S)-11-ethyl-2,24-dihydroxy-10-methyl-21,26-diazapentacyclo[23.2.1.09,13.08,15.05,16]octacosa-1(2),3,18-triene-7,20,27,28-tetraone
4 non-polymer 'FORMIC ACID'
5 non-polymer 'SODIUM ION'
6 water water
#
_entity_poly.entity_id   1
_entity_poly.type   'polypeptide(L)'
_entity_poly.pdbx_seq_one_letter_code
;MPGQQEQQAPSEHPEQQELLTFPFASTGLEFPPVYHELYQQRLTKVRLPYGDDAYLAIRYADVKTVLSDSRFSIVASLGQ
DQPRTRAGARVGNGLFSLDPPQHSRLRSVLGRDFTPRRVEKLRERVRELTDQCLDRMEAAGSPADLVAHLAVPMPTAVVC
EMMGVPEPDHHLFWGWAETILSNDTTPDDLIRRYQEFTAYMGAMVEERRARPTDDMFGMLVRACDEEGRITEIEMHALAS
DLLSAGFVSTAHQIANFTAMLLARPERLQPLVDKPEQIPAAVEELMRHVPILSGFSFPRYATEDLEMSGVTVRRGEAVIP
VIAAANRDPDVYPDAGRLDLERNGLPHLGFGQGPHFCIGAHLARVELQVVLEALTERFPDLRFGIPENALKWKRGHFMNG
LHELPVAW
;
_entity_poly.pdbx_strand_id   A,B
#
# COMPACT_ATOMS: atom_id res chain seq x y z
N GLU A 18 -22.19 22.36 19.26
CA GLU A 18 -23.00 21.37 18.55
C GLU A 18 -22.29 20.89 17.28
N LEU A 19 -22.01 19.59 17.21
CA LEU A 19 -21.12 19.03 16.19
C LEU A 19 -21.87 18.47 14.97
N LEU A 20 -21.19 18.49 13.83
CA LEU A 20 -21.63 17.75 12.64
C LEU A 20 -21.89 16.30 12.99
N THR A 21 -23.03 15.77 12.54
CA THR A 21 -23.37 14.38 12.72
C THR A 21 -22.79 13.55 11.58
N PHE A 22 -22.35 12.34 11.92
CA PHE A 22 -21.73 11.36 11.03
C PHE A 22 -22.29 10.04 11.53
N PRO A 23 -22.64 9.10 10.62
CA PRO A 23 -22.45 9.15 9.18
C PRO A 23 -23.30 10.21 8.49
N PHE A 24 -22.92 10.56 7.28
CA PHE A 24 -23.64 11.57 6.51
C PHE A 24 -24.81 10.95 5.77
N ALA A 25 -25.69 11.81 5.29
CA ALA A 25 -26.79 11.37 4.44
C ALA A 25 -26.27 10.92 3.08
N SER A 26 -26.72 9.74 2.66
CA SER A 26 -26.45 9.28 1.31
C SER A 26 -27.39 8.12 1.04
N THR A 27 -27.63 7.86 -0.24
CA THR A 27 -28.40 6.68 -0.61
C THR A 27 -27.63 5.84 -1.61
N GLY A 28 -27.76 4.52 -1.47
CA GLY A 28 -27.08 3.59 -2.35
C GLY A 28 -25.58 3.79 -2.27
N LEU A 29 -24.95 3.85 -3.44
CA LEU A 29 -23.51 4.05 -3.52
C LEU A 29 -23.15 5.50 -3.73
N GLU A 30 -24.11 6.43 -3.52
CA GLU A 30 -23.84 7.85 -3.56
C GLU A 30 -22.66 8.23 -2.68
N PHE A 31 -21.77 9.07 -3.21
CA PHE A 31 -20.74 9.76 -2.44
C PHE A 31 -21.20 11.18 -2.11
N PRO A 32 -21.47 11.51 -0.87
CA PRO A 32 -22.15 12.78 -0.61
C PRO A 32 -21.25 13.99 -0.80
N PRO A 33 -21.84 15.10 -1.28
CA PRO A 33 -21.03 16.30 -1.60
C PRO A 33 -20.37 16.93 -0.39
N VAL A 34 -20.86 16.65 0.81
CA VAL A 34 -20.21 17.18 2.00
C VAL A 34 -18.71 16.87 2.03
N TYR A 35 -18.28 15.72 1.51
CA TYR A 35 -16.83 15.43 1.47
C TYR A 35 -16.08 16.47 0.66
N HIS A 36 -16.68 16.98 -0.41
CA HIS A 36 -15.97 17.99 -1.19
C HIS A 36 -15.71 19.26 -0.37
N GLU A 37 -16.61 19.59 0.53
CA GLU A 37 -16.38 20.67 1.48
C GLU A 37 -15.31 20.30 2.48
N LEU A 38 -15.37 19.08 3.02
CA LEU A 38 -14.48 18.74 4.10
C LEU A 38 -13.03 18.60 3.61
N TYR A 39 -12.81 18.20 2.35
CA TYR A 39 -11.45 18.16 1.84
C TYR A 39 -10.78 19.53 1.89
N GLN A 40 -11.55 20.62 1.80
CA GLN A 40 -11.01 21.96 1.89
C GLN A 40 -11.11 22.60 3.27
N GLN A 41 -11.15 21.76 4.32
CA GLN A 41 -11.22 22.20 5.70
C GLN A 41 -10.17 21.46 6.52
N ARG A 42 -9.92 22.02 7.71
CA ARG A 42 -9.15 21.30 8.71
C ARG A 42 -9.90 20.08 9.23
N LEU A 43 -9.12 19.24 9.92
CA LEU A 43 -9.72 18.05 10.50
C LEU A 43 -10.97 18.44 11.31
N THR A 44 -12.07 17.74 11.08
CA THR A 44 -13.39 18.05 11.66
C THR A 44 -13.86 17.03 12.70
N LYS A 45 -14.36 17.54 13.82
CA LYS A 45 -14.92 16.69 14.86
C LYS A 45 -16.40 16.46 14.61
N VAL A 46 -16.84 15.22 14.79
CA VAL A 46 -18.22 14.84 14.53
C VAL A 46 -18.76 14.06 15.72
N ARG A 47 -20.08 14.04 15.84
CA ARG A 47 -20.75 13.25 16.87
C ARG A 47 -21.38 12.06 16.18
N LEU A 48 -21.40 10.93 16.88
CA LEU A 48 -21.78 9.66 16.31
C LEU A 48 -23.09 9.17 16.89
N PRO A 49 -23.70 8.16 16.30
CA PRO A 49 -24.96 7.65 16.88
C PRO A 49 -24.82 7.13 18.31
N TYR A 50 -23.69 6.48 18.64
CA TYR A 50 -23.38 6.07 20.01
C TYR A 50 -21.93 6.37 20.33
N GLY A 51 -21.67 6.58 21.61
CA GLY A 51 -20.30 6.68 22.07
C GLY A 51 -19.77 8.08 21.92
N ASP A 52 -18.46 8.19 22.13
CA ASP A 52 -17.81 9.48 22.15
C ASP A 52 -17.81 10.12 20.77
N ASP A 53 -17.54 11.44 20.74
CA ASP A 53 -17.25 12.14 19.51
C ASP A 53 -15.91 11.69 18.97
N ALA A 54 -15.59 12.13 17.76
CA ALA A 54 -14.37 11.72 17.08
C ALA A 54 -14.12 12.61 15.90
N TYR A 55 -12.84 12.75 15.56
CA TYR A 55 -12.46 13.44 14.34
C TYR A 55 -12.62 12.50 13.16
N LEU A 56 -12.84 13.11 12.00
CA LEU A 56 -13.05 12.40 10.75
C LEU A 56 -11.80 12.56 9.90
N ALA A 57 -10.98 11.49 9.79
CA ALA A 57 -9.86 11.48 8.86
C ALA A 57 -10.43 11.23 7.49
N ILE A 58 -10.18 12.14 6.54
CA ILE A 58 -10.71 11.99 5.20
C ILE A 58 -9.66 12.18 4.09
N ARG A 59 -8.55 12.84 4.35
CA ARG A 59 -7.48 12.92 3.36
C ARG A 59 -6.73 11.59 3.30
N TYR A 60 -6.24 11.25 2.09
CA TYR A 60 -5.57 9.98 1.85
C TYR A 60 -4.48 9.77 2.89
N ALA A 61 -3.63 10.78 3.07
CA ALA A 61 -2.50 10.65 3.95
C ALA A 61 -2.95 10.47 5.39
N ASP A 62 -4.07 11.12 5.79
CA ASP A 62 -4.53 11.07 7.17
C ASP A 62 -5.14 9.72 7.49
N VAL A 63 -5.92 9.17 6.57
CA VAL A 63 -6.52 7.84 6.75
C VAL A 63 -5.44 6.79 6.79
N LYS A 64 -4.44 6.89 5.92
CA LYS A 64 -3.28 6.02 6.02
C LYS A 64 -2.62 6.10 7.39
N THR A 65 -2.49 7.33 7.94
CA THR A 65 -1.84 7.48 9.22
C THR A 65 -2.66 6.78 10.29
N VAL A 66 -3.97 7.02 10.30
CA VAL A 66 -4.81 6.44 11.36
C VAL A 66 -4.69 4.93 11.37
N LEU A 67 -4.63 4.33 10.19
CA LEU A 67 -4.67 2.89 10.05
C LEU A 67 -3.33 2.20 10.27
N SER A 68 -2.21 2.91 10.09
CA SER A 68 -0.89 2.30 10.13
C SER A 68 0.10 2.91 11.11
N ASP A 69 -0.13 4.09 11.67
CA ASP A 69 0.84 4.68 12.59
C ASP A 69 0.64 4.12 14.01
N SER A 70 1.74 3.75 14.68
CA SER A 70 1.57 3.07 15.98
C SER A 70 1.02 3.99 17.04
N ARG A 71 1.02 5.30 16.79
CA ARG A 71 0.41 6.25 17.74
C ARG A 71 -1.12 6.23 17.67
N PHE A 72 -1.68 5.36 16.85
CA PHE A 72 -3.12 5.18 16.84
C PHE A 72 -3.43 3.75 17.21
N SER A 73 -4.10 3.58 18.33
CA SER A 73 -4.48 2.29 18.83
C SER A 73 -5.93 2.01 18.48
N ILE A 74 -6.24 0.74 18.22
CA ILE A 74 -7.62 0.31 18.00
C ILE A 74 -8.32 -0.02 19.30
N VAL A 75 -7.61 0.12 20.43
CA VAL A 75 -8.10 -0.22 21.76
C VAL A 75 -8.41 1.03 22.57
N ALA A 76 -9.60 1.09 23.17
CA ALA A 76 -9.97 2.22 24.03
C ALA A 76 -9.45 1.91 25.44
N SER A 77 -8.16 2.11 25.67
CA SER A 77 -7.51 1.81 26.94
C SER A 77 -7.58 2.97 27.95
N LEU A 78 -8.29 4.04 27.60
CA LEU A 78 -8.41 5.22 28.43
C LEU A 78 -9.84 5.49 28.84
N GLY A 79 -10.68 4.48 28.88
CA GLY A 79 -12.04 4.65 29.31
C GLY A 79 -12.99 5.15 28.28
N GLN A 80 -12.54 5.35 27.03
CA GLN A 80 -13.42 5.89 25.99
C GLN A 80 -14.65 5.02 25.74
N ASP A 81 -15.71 5.67 25.33
CA ASP A 81 -16.93 5.02 24.88
C ASP A 81 -16.85 4.98 23.36
N GLN A 82 -16.69 3.78 22.79
CA GLN A 82 -16.35 3.61 21.39
C GLN A 82 -17.28 4.35 20.44
N PRO A 83 -16.78 5.30 19.66
CA PRO A 83 -17.63 5.95 18.65
C PRO A 83 -18.14 4.90 17.67
N ARG A 84 -19.46 4.86 17.46
CA ARG A 84 -20.01 3.74 16.70
C ARG A 84 -21.41 4.06 16.19
N THR A 85 -21.90 3.19 15.30
CA THR A 85 -23.24 3.28 14.74
C THR A 85 -24.14 2.16 15.26
N ARG A 86 -23.57 1.19 15.98
CA ARG A 86 -24.29 0.06 16.54
C ARG A 86 -24.45 0.24 18.04
N ALA A 87 -25.66 -0.01 18.54
CA ALA A 87 -25.93 0.25 19.95
C ALA A 87 -24.96 -0.52 20.84
N GLY A 88 -24.68 -1.77 20.52
CA GLY A 88 -23.71 -2.53 21.27
C GLY A 88 -22.28 -2.38 20.79
N ALA A 89 -21.39 -1.93 21.69
CA ALA A 89 -19.98 -1.74 21.38
C ALA A 89 -19.35 -3.00 20.82
N ARG A 90 -18.39 -2.80 19.93
CA ARG A 90 -17.83 -3.90 19.16
C ARG A 90 -16.64 -4.39 19.96
N VAL A 91 -16.81 -5.48 20.68
CA VAL A 91 -15.78 -5.94 21.60
C VAL A 91 -15.66 -7.46 21.58
N GLY A 92 -14.44 -7.94 21.69
CA GLY A 92 -14.24 -9.38 21.67
C GLY A 92 -12.78 -9.66 21.76
N ASN A 93 -12.39 -10.88 21.38
CA ASN A 93 -11.04 -11.41 21.58
C ASN A 93 -10.30 -11.68 20.27
N GLY A 94 -10.84 -11.20 19.15
CA GLY A 94 -10.27 -11.42 17.84
C GLY A 94 -9.42 -10.26 17.33
N LEU A 95 -9.25 -10.20 16.00
CA LEU A 95 -8.16 -9.42 15.41
C LEU A 95 -8.38 -7.92 15.55
N PHE A 96 -9.63 -7.49 15.53
CA PHE A 96 -10.02 -6.09 15.66
C PHE A 96 -9.96 -5.58 17.11
N SER A 97 -9.70 -6.45 18.07
CA SER A 97 -9.60 -6.05 19.47
C SER A 97 -8.16 -5.82 19.93
N LEU A 98 -7.19 -5.98 19.03
CA LEU A 98 -5.78 -5.98 19.41
C LEU A 98 -4.93 -5.05 18.56
N ASP A 99 -3.90 -4.47 19.23
CA ASP A 99 -2.78 -3.78 18.62
C ASP A 99 -1.56 -4.72 18.49
N PRO A 100 -0.62 -4.43 17.59
CA PRO A 100 0.66 -5.13 17.62
C PRO A 100 1.37 -4.89 18.93
N PRO A 101 2.19 -5.83 19.39
CA PRO A 101 2.53 -7.13 18.78
C PRO A 101 1.52 -8.23 19.02
N GLN A 102 0.66 -8.02 20.02
CA GLN A 102 -0.31 -9.06 20.33
C GLN A 102 -1.15 -9.36 19.10
N HIS A 103 -1.63 -8.34 18.38
CA HIS A 103 -2.38 -8.63 17.19
C HIS A 103 -1.54 -9.45 16.23
N SER A 104 -0.31 -9.06 16.05
CA SER A 104 0.50 -9.72 15.06
C SER A 104 0.68 -11.18 15.40
N ARG A 105 0.72 -11.54 16.68
CA ARG A 105 0.98 -12.92 17.04
C ARG A 105 -0.26 -13.77 16.81
N LEU A 106 -1.43 -13.20 17.06
CA LEU A 106 -2.69 -13.89 16.78
C LEU A 106 -2.91 -14.03 15.30
N ARG A 107 -2.69 -12.96 14.54
CA ARG A 107 -2.91 -13.04 13.10
C ARG A 107 -1.98 -14.07 12.47
N SER A 108 -0.76 -14.17 12.98
CA SER A 108 0.18 -15.09 12.37
C SER A 108 -0.36 -16.53 12.34
N VAL A 109 -1.32 -16.88 13.19
CA VAL A 109 -1.88 -18.23 13.14
C VAL A 109 -2.61 -18.47 11.83
N LEU A 110 -3.22 -17.42 11.27
CA LEU A 110 -3.92 -17.52 9.99
C LEU A 110 -3.08 -17.13 8.79
N GLY A 111 -1.99 -16.39 9.01
CA GLY A 111 -1.28 -15.68 7.97
C GLY A 111 -1.07 -16.45 6.69
N ARG A 112 -0.42 -17.62 6.86
CA ARG A 112 0.02 -18.43 5.74
C ARG A 112 -1.14 -18.81 4.82
N ASP A 113 -2.35 -18.91 5.34
CA ASP A 113 -3.45 -19.41 4.51
C ASP A 113 -4.05 -18.34 3.59
N PHE A 114 -3.65 -17.06 3.76
CA PHE A 114 -4.20 -15.94 2.99
C PHE A 114 -3.14 -15.20 2.15
N THR A 115 -1.91 -15.70 2.11
CA THR A 115 -0.92 -15.13 1.19
C THR A 115 -1.33 -15.33 -0.26
N PRO A 116 -0.86 -14.44 -1.17
CA PRO A 116 -1.18 -14.66 -2.61
C PRO A 116 -0.79 -16.07 -3.11
N ARG A 117 0.32 -16.64 -2.60
CA ARG A 117 0.77 -17.94 -3.09
C ARG A 117 -0.23 -19.07 -2.76
N ARG A 118 -0.92 -18.98 -1.61
CA ARG A 118 -1.89 -20.00 -1.23
C ARG A 118 -3.25 -19.70 -1.85
N VAL A 119 -3.70 -18.46 -1.76
CA VAL A 119 -4.97 -18.07 -2.35
C VAL A 119 -5.02 -18.23 -3.87
N GLU A 120 -3.89 -18.03 -4.58
CA GLU A 120 -3.92 -18.18 -6.03
C GLU A 120 -4.32 -19.62 -6.39
N LYS A 121 -4.08 -20.56 -5.47
CA LYS A 121 -4.41 -21.97 -5.71
C LYS A 121 -5.92 -22.20 -5.76
N LEU A 122 -6.70 -21.30 -5.15
CA LEU A 122 -8.16 -21.40 -5.09
C LEU A 122 -8.90 -20.84 -6.31
N ARG A 123 -8.18 -20.21 -7.25
CA ARG A 123 -8.81 -19.65 -8.43
C ARG A 123 -9.71 -20.68 -9.14
N GLU A 124 -9.21 -21.90 -9.35
CA GLU A 124 -10.00 -22.88 -10.11
C GLU A 124 -11.29 -23.25 -9.37
N ARG A 125 -11.21 -23.44 -8.04
CA ARG A 125 -12.40 -23.73 -7.25
C ARG A 125 -13.38 -22.56 -7.25
N VAL A 126 -12.88 -21.33 -7.14
CA VAL A 126 -13.77 -20.15 -7.11
C VAL A 126 -14.57 -20.07 -8.41
N ARG A 127 -13.91 -20.35 -9.53
CA ARG A 127 -14.59 -20.38 -10.82
C ARG A 127 -15.57 -21.55 -10.92
N GLU A 128 -15.22 -22.73 -10.41
CA GLU A 128 -16.17 -23.84 -10.40
C GLU A 128 -17.49 -23.43 -9.75
N LEU A 129 -17.41 -22.87 -8.54
CA LEU A 129 -18.58 -22.45 -7.78
C LEU A 129 -19.32 -21.33 -8.48
N THR A 130 -18.58 -20.35 -9.00
CA THR A 130 -19.18 -19.29 -9.79
C THR A 130 -19.95 -19.88 -10.99
N ASP A 131 -19.37 -20.88 -11.67
CA ASP A 131 -20.05 -21.51 -12.81
C ASP A 131 -21.31 -22.24 -12.38
N GLN A 132 -21.24 -22.98 -11.28
CA GLN A 132 -22.42 -23.64 -10.76
C GLN A 132 -23.49 -22.63 -10.41
N CYS A 133 -23.11 -21.48 -9.83
CA CYS A 133 -24.09 -20.45 -9.49
C CYS A 133 -24.77 -19.93 -10.75
N LEU A 134 -24.00 -19.70 -11.80
CA LEU A 134 -24.54 -19.10 -13.02
C LEU A 134 -25.37 -20.12 -13.82
N ASP A 135 -25.04 -21.40 -13.74
CA ASP A 135 -25.89 -22.42 -14.36
C ASP A 135 -27.28 -22.36 -13.74
N ARG A 136 -27.35 -22.33 -12.40
CA ARG A 136 -28.65 -22.24 -11.73
C ARG A 136 -29.35 -20.92 -12.04
N MET A 137 -28.61 -19.81 -12.04
CA MET A 137 -29.21 -18.54 -12.43
C MET A 137 -29.84 -18.66 -13.80
N GLU A 138 -29.07 -19.16 -14.75
CA GLU A 138 -29.54 -19.22 -16.13
C GLU A 138 -30.71 -20.17 -16.27
N ALA A 139 -30.69 -21.29 -15.52
CA ALA A 139 -31.80 -22.23 -15.51
C ALA A 139 -33.06 -21.59 -14.93
N ALA A 140 -32.90 -20.63 -14.02
CA ALA A 140 -34.05 -19.91 -13.46
C ALA A 140 -34.65 -18.93 -14.46
N GLY A 141 -33.86 -18.45 -15.40
CA GLY A 141 -34.42 -17.69 -16.50
C GLY A 141 -34.38 -16.20 -16.27
N SER A 142 -34.27 -15.46 -17.36
CA SER A 142 -34.18 -14.02 -17.38
C SER A 142 -35.54 -13.35 -17.29
N PRO A 143 -35.66 -12.32 -16.43
CA PRO A 143 -34.63 -11.71 -15.58
C PRO A 143 -34.50 -12.46 -14.27
N ALA A 144 -33.29 -12.60 -13.72
CA ALA A 144 -33.07 -13.31 -12.47
C ALA A 144 -32.25 -12.48 -11.47
N ASP A 145 -32.35 -12.84 -10.19
CA ASP A 145 -31.71 -12.08 -9.11
C ASP A 145 -30.26 -12.52 -8.96
N LEU A 146 -29.34 -11.66 -9.39
CA LEU A 146 -27.93 -12.02 -9.26
C LEU A 146 -27.50 -12.09 -7.78
N VAL A 147 -28.21 -11.43 -6.88
CA VAL A 147 -27.84 -11.48 -5.47
C VAL A 147 -28.11 -12.86 -4.92
N ALA A 148 -29.32 -13.38 -5.11
CA ALA A 148 -29.63 -14.70 -4.57
C ALA A 148 -28.90 -15.81 -5.30
N HIS A 149 -28.69 -15.68 -6.60
CA HIS A 149 -28.08 -16.80 -7.36
C HIS A 149 -26.56 -16.81 -7.36
N LEU A 150 -25.91 -15.68 -7.11
CA LEU A 150 -24.45 -15.69 -7.15
C LEU A 150 -23.79 -14.94 -5.99
N ALA A 151 -24.20 -13.69 -5.76
CA ALA A 151 -23.45 -12.85 -4.84
C ALA A 151 -23.44 -13.46 -3.45
N VAL A 152 -24.56 -14.06 -3.04
CA VAL A 152 -24.62 -14.66 -1.71
C VAL A 152 -24.01 -16.05 -1.73
N PRO A 153 -24.47 -16.95 -2.59
CA PRO A 153 -23.98 -18.34 -2.44
C PRO A 153 -22.50 -18.52 -2.66
N MET A 154 -21.88 -17.89 -3.70
CA MET A 154 -20.53 -18.30 -4.06
C MET A 154 -19.51 -17.94 -2.99
N PRO A 155 -19.45 -16.70 -2.49
CA PRO A 155 -18.45 -16.39 -1.45
C PRO A 155 -18.71 -17.16 -0.16
N THR A 156 -19.98 -17.41 0.17
CA THR A 156 -20.31 -18.17 1.36
C THR A 156 -19.73 -19.57 1.24
N ALA A 157 -19.94 -20.21 0.09
CA ALA A 157 -19.37 -21.54 -0.15
C ALA A 157 -17.84 -21.53 -0.11
N VAL A 158 -17.19 -20.53 -0.73
CA VAL A 158 -15.73 -20.49 -0.72
C VAL A 158 -15.18 -20.51 0.72
N VAL A 159 -15.58 -19.56 1.57
CA VAL A 159 -15.03 -19.62 2.95
C VAL A 159 -15.59 -20.76 3.81
N CYS A 160 -16.86 -21.12 3.66
CA CYS A 160 -17.38 -22.22 4.48
C CYS A 160 -16.66 -23.52 4.15
N GLU A 161 -16.33 -23.75 2.89
CA GLU A 161 -15.50 -24.90 2.49
C GLU A 161 -14.08 -24.82 3.06
N MET A 162 -13.45 -23.66 2.91
CA MET A 162 -12.11 -23.47 3.41
C MET A 162 -12.05 -23.79 4.89
N MET A 163 -13.07 -23.38 5.65
CA MET A 163 -13.09 -23.57 7.08
C MET A 163 -13.46 -24.99 7.50
N GLY A 164 -14.32 -25.64 6.72
CA GLY A 164 -14.88 -26.94 7.04
C GLY A 164 -16.29 -26.94 7.57
N VAL A 165 -17.09 -25.92 7.26
CA VAL A 165 -18.52 -25.90 7.58
C VAL A 165 -19.31 -26.55 6.43
N PRO A 166 -20.29 -27.41 6.72
CA PRO A 166 -21.05 -28.03 5.62
C PRO A 166 -22.12 -27.12 5.02
N GLU A 167 -22.46 -27.39 3.76
CA GLU A 167 -23.40 -26.54 3.03
C GLU A 167 -24.72 -26.47 3.76
N PRO A 168 -25.20 -27.55 4.39
CA PRO A 168 -26.45 -27.45 5.15
C PRO A 168 -26.48 -26.28 6.12
N ASP A 169 -25.33 -25.92 6.70
CA ASP A 169 -25.28 -24.95 7.79
C ASP A 169 -24.95 -23.52 7.37
N HIS A 170 -24.87 -23.25 6.07
CA HIS A 170 -24.47 -21.93 5.61
C HIS A 170 -25.41 -20.87 6.13
N HIS A 171 -26.71 -21.17 6.14
CA HIS A 171 -27.70 -20.19 6.58
C HIS A 171 -27.48 -19.74 8.00
N LEU A 172 -26.89 -20.58 8.86
CA LEU A 172 -26.63 -20.18 10.24
C LEU A 172 -25.62 -19.04 10.29
N PHE A 173 -24.57 -19.15 9.49
CA PHE A 173 -23.52 -18.15 9.47
C PHE A 173 -23.96 -16.85 8.80
N TRP A 174 -24.91 -16.90 7.83
CA TRP A 174 -25.53 -15.67 7.32
C TRP A 174 -26.20 -14.89 8.44
N GLY A 175 -26.85 -15.59 9.36
CA GLY A 175 -27.66 -14.92 10.35
C GLY A 175 -26.78 -14.34 11.43
N TRP A 176 -25.77 -15.12 11.79
CA TRP A 176 -24.82 -14.64 12.79
C TRP A 176 -24.08 -13.43 12.27
N ALA A 177 -23.72 -13.46 10.98
CA ALA A 177 -22.95 -12.35 10.38
C ALA A 177 -23.84 -11.14 10.26
N GLU A 178 -25.10 -11.35 9.90
CA GLU A 178 -26.00 -10.21 9.78
C GLU A 178 -26.23 -9.52 11.13
N THR A 179 -26.33 -10.26 12.24
CA THR A 179 -26.61 -9.54 13.48
C THR A 179 -25.40 -8.71 13.88
N ILE A 180 -24.18 -9.19 13.57
CA ILE A 180 -22.97 -8.39 13.78
C ILE A 180 -23.05 -7.09 13.00
N LEU A 181 -23.41 -7.18 11.72
CA LEU A 181 -23.36 -6.05 10.82
C LEU A 181 -24.60 -5.12 10.93
N SER A 182 -25.62 -5.49 11.69
CA SER A 182 -26.80 -4.64 11.73
C SER A 182 -26.64 -3.55 12.79
N ASN A 183 -26.96 -2.31 12.43
CA ASN A 183 -26.78 -1.21 13.37
C ASN A 183 -27.89 -1.15 14.44
N ASP A 184 -28.98 -1.88 14.29
CA ASP A 184 -29.97 -1.98 15.35
C ASP A 184 -29.78 -3.19 16.27
N THR A 185 -28.64 -3.86 16.20
CA THR A 185 -28.35 -4.96 17.11
C THR A 185 -27.97 -4.47 18.51
N THR A 186 -28.65 -5.01 19.50
CA THR A 186 -28.40 -4.65 20.88
C THR A 186 -27.30 -5.50 21.51
N PRO A 187 -26.84 -5.11 22.70
CA PRO A 187 -25.91 -6.05 23.40
C PRO A 187 -26.53 -7.41 23.70
N ASP A 188 -27.84 -7.44 23.92
CA ASP A 188 -28.56 -8.68 24.15
C ASP A 188 -28.53 -9.56 22.91
N ASP A 189 -28.73 -8.97 21.74
CA ASP A 189 -28.64 -9.75 20.51
C ASP A 189 -27.25 -10.31 20.34
N LEU A 190 -26.25 -9.52 20.73
CA LEU A 190 -24.87 -9.95 20.60
C LEU A 190 -24.61 -11.13 21.51
N ILE A 191 -25.22 -11.13 22.70
CA ILE A 191 -25.09 -12.27 23.61
C ILE A 191 -25.68 -13.51 22.98
N ARG A 192 -26.92 -13.41 22.50
CA ARG A 192 -27.54 -14.56 21.84
C ARG A 192 -26.64 -15.09 20.73
N ARG A 193 -26.20 -14.22 19.82
CA ARG A 193 -25.27 -14.65 18.78
C ARG A 193 -24.06 -15.34 19.40
N TYR A 194 -23.40 -14.71 20.35
CA TYR A 194 -22.20 -15.31 20.94
C TYR A 194 -22.47 -16.73 21.44
N GLN A 195 -23.60 -16.93 22.13
CA GLN A 195 -23.89 -18.24 22.72
C GLN A 195 -24.17 -19.27 21.62
N GLU A 196 -25.02 -18.91 20.66
CA GLU A 196 -25.29 -19.82 19.55
C GLU A 196 -24.02 -20.18 18.82
N PHE A 197 -23.22 -19.16 18.48
CA PHE A 197 -22.01 -19.38 17.70
C PHE A 197 -21.03 -20.26 18.46
N THR A 198 -20.82 -19.95 19.75
CA THR A 198 -19.88 -20.70 20.59
C THR A 198 -20.31 -22.16 20.70
N ALA A 199 -21.61 -22.40 20.89
CA ALA A 199 -22.12 -23.77 20.89
C ALA A 199 -21.73 -24.49 19.61
N TYR A 200 -21.97 -23.84 18.46
CA TYR A 200 -21.76 -24.50 17.17
C TYR A 200 -20.29 -24.81 16.96
N MET A 201 -19.41 -23.85 17.22
CA MET A 201 -17.99 -24.11 17.03
C MET A 201 -17.49 -25.04 18.11
N GLY A 202 -18.13 -25.03 19.28
CA GLY A 202 -17.82 -26.02 20.30
C GLY A 202 -18.06 -27.44 19.79
N ALA A 203 -19.21 -27.65 19.15
CA ALA A 203 -19.43 -28.91 18.45
C ALA A 203 -18.35 -29.18 17.44
N MET A 204 -18.00 -28.18 16.60
CA MET A 204 -17.00 -28.39 15.56
C MET A 204 -15.64 -28.76 16.14
N VAL A 205 -15.27 -28.12 17.27
CA VAL A 205 -14.00 -28.42 17.94
C VAL A 205 -14.01 -29.86 18.40
N GLU A 206 -15.09 -30.29 19.06
CA GLU A 206 -15.14 -31.65 19.58
C GLU A 206 -15.11 -32.64 18.43
N GLU A 207 -15.75 -32.33 17.31
CA GLU A 207 -15.65 -33.23 16.17
C GLU A 207 -14.20 -33.39 15.75
N ARG A 208 -13.42 -32.31 15.71
CA ARG A 208 -12.07 -32.40 15.17
C ARG A 208 -11.09 -32.96 16.18
N ARG A 209 -11.37 -32.83 17.48
CA ARG A 209 -10.55 -33.51 18.47
C ARG A 209 -10.68 -35.01 18.34
N ALA A 210 -11.90 -35.49 18.04
CA ALA A 210 -12.14 -36.88 17.65
C ALA A 210 -12.32 -36.97 16.15
N ARG A 211 -11.15 -37.01 15.47
CA ARG A 211 -11.05 -37.07 14.02
C ARG A 211 -10.57 -35.75 13.42
N PRO A 212 -9.27 -35.51 13.40
CA PRO A 212 -8.76 -34.29 12.77
C PRO A 212 -9.14 -34.20 11.29
N THR A 213 -9.12 -32.98 10.77
CA THR A 213 -9.50 -32.69 9.39
C THR A 213 -8.48 -31.78 8.77
N ASP A 214 -8.35 -31.85 7.43
CA ASP A 214 -7.42 -30.98 6.69
C ASP A 214 -8.18 -29.76 6.18
N ASP A 215 -8.75 -28.99 7.11
CA ASP A 215 -9.41 -27.73 6.79
C ASP A 215 -8.99 -26.67 7.80
N MET A 216 -9.52 -25.45 7.68
CA MET A 216 -8.94 -24.35 8.46
C MET A 216 -9.32 -24.44 9.93
N PHE A 217 -10.53 -24.87 10.24
CA PHE A 217 -10.85 -25.04 11.67
C PHE A 217 -9.99 -26.13 12.29
N GLY A 218 -9.73 -27.19 11.50
CA GLY A 218 -8.84 -28.23 11.95
C GLY A 218 -7.45 -27.72 12.19
N MET A 219 -6.99 -26.76 11.38
CA MET A 219 -5.68 -26.15 11.62
C MET A 219 -5.72 -25.38 12.93
N LEU A 220 -6.85 -24.74 13.24
CA LEU A 220 -6.94 -23.97 14.47
C LEU A 220 -6.96 -24.88 15.69
N VAL A 221 -7.50 -26.09 15.52
CA VAL A 221 -7.61 -26.99 16.65
C VAL A 221 -6.25 -27.58 16.98
N ARG A 222 -5.47 -27.94 15.94
CA ARG A 222 -4.07 -28.32 16.15
C ARG A 222 -3.29 -27.19 16.78
N ALA A 223 -3.55 -25.95 16.35
CA ALA A 223 -2.82 -24.83 16.90
C ALA A 223 -3.11 -24.63 18.38
N CYS A 224 -4.34 -24.91 18.80
CA CYS A 224 -4.66 -24.81 20.22
C CYS A 224 -4.21 -26.04 21.02
N ASP A 225 -4.53 -27.23 20.53
CA ASP A 225 -4.30 -28.46 21.28
C ASP A 225 -2.87 -28.98 21.15
N GLU A 226 -2.36 -29.09 19.93
CA GLU A 226 -1.07 -29.73 19.71
C GLU A 226 0.10 -28.77 19.91
N GLU A 227 0.04 -27.60 19.30
CA GLU A 227 1.13 -26.66 19.38
C GLU A 227 0.99 -25.71 20.55
N GLY A 228 -0.21 -25.55 21.09
CA GLY A 228 -0.38 -24.66 22.22
C GLY A 228 -0.05 -23.24 21.89
N ARG A 229 -0.16 -22.86 20.61
CA ARG A 229 0.15 -21.50 20.21
C ARG A 229 -0.94 -20.54 20.65
N ILE A 230 -2.19 -21.01 20.70
CA ILE A 230 -3.34 -20.15 21.03
C ILE A 230 -4.22 -20.86 22.04
N THR A 231 -5.06 -20.09 22.72
CA THR A 231 -6.05 -20.59 23.66
C THR A 231 -7.35 -20.86 22.93
N GLU A 232 -8.23 -21.60 23.59
CA GLU A 232 -9.53 -21.94 23.03
C GLU A 232 -10.30 -20.70 22.63
N ILE A 233 -10.34 -19.69 23.49
CA ILE A 233 -11.11 -18.51 23.14
C ILE A 233 -10.49 -17.82 21.93
N GLU A 234 -9.16 -17.95 21.73
CA GLU A 234 -8.53 -17.32 20.58
C GLU A 234 -8.86 -18.10 19.31
N MET A 235 -8.90 -19.43 19.42
CA MET A 235 -9.34 -20.28 18.32
C MET A 235 -10.75 -19.92 17.88
N HIS A 236 -11.66 -19.78 18.86
CA HIS A 236 -13.02 -19.37 18.54
C HIS A 236 -13.03 -17.98 17.91
N ALA A 237 -12.21 -17.07 18.44
CA ALA A 237 -12.21 -15.70 17.96
C ALA A 237 -11.78 -15.62 16.50
N LEU A 238 -10.73 -16.37 16.14
CA LEU A 238 -10.26 -16.30 14.77
C LEU A 238 -11.31 -16.86 13.83
N ALA A 239 -11.94 -17.96 14.20
CA ALA A 239 -13.00 -18.54 13.39
C ALA A 239 -14.16 -17.56 13.24
N SER A 240 -14.50 -16.87 14.32
CA SER A 240 -15.60 -15.92 14.30
C SER A 240 -15.28 -14.72 13.40
N ASP A 241 -14.05 -14.21 13.47
CA ASP A 241 -13.64 -13.12 12.58
C ASP A 241 -13.82 -13.53 11.13
N LEU A 242 -13.31 -14.71 10.77
CA LEU A 242 -13.33 -15.12 9.36
C LEU A 242 -14.74 -15.44 8.90
N LEU A 243 -15.60 -15.94 9.78
CA LEU A 243 -16.94 -16.29 9.32
C LEU A 243 -17.89 -15.10 9.41
N SER A 244 -17.49 -14.03 10.09
CA SER A 244 -18.25 -12.79 10.06
C SER A 244 -17.85 -11.92 8.87
N ALA A 245 -16.57 -11.87 8.59
CA ALA A 245 -16.07 -10.94 7.61
C ALA A 245 -16.03 -11.53 6.22
N GLY A 246 -15.99 -12.84 6.12
CA GLY A 246 -15.50 -13.48 4.93
C GLY A 246 -16.41 -13.75 3.74
N PHE A 247 -17.69 -13.50 3.84
CA PHE A 247 -18.56 -13.69 2.70
C PHE A 247 -19.61 -12.62 2.55
N VAL A 248 -20.13 -12.00 3.62
CA VAL A 248 -21.09 -10.91 3.39
C VAL A 248 -20.40 -9.74 2.66
N SER A 249 -19.12 -9.54 2.94
CA SER A 249 -18.31 -8.52 2.27
C SER A 249 -18.35 -8.68 0.76
N THR A 250 -17.83 -9.79 0.27
CA THR A 250 -17.75 -10.07 -1.16
C THR A 250 -19.13 -10.14 -1.78
N ALA A 251 -20.10 -10.63 -1.02
CA ALA A 251 -21.48 -10.68 -1.48
C ALA A 251 -21.95 -9.30 -1.89
N HIS A 252 -21.85 -8.35 -0.97
CA HIS A 252 -22.21 -6.97 -1.25
C HIS A 252 -21.44 -6.42 -2.44
N GLN A 253 -20.13 -6.68 -2.51
CA GLN A 253 -19.29 -6.07 -3.56
C GLN A 253 -19.54 -6.69 -4.95
N ILE A 254 -19.88 -7.97 -5.03
CA ILE A 254 -20.23 -8.55 -6.32
C ILE A 254 -21.41 -7.80 -6.95
N ALA A 255 -22.45 -7.57 -6.16
CA ALA A 255 -23.65 -6.85 -6.63
C ALA A 255 -23.35 -5.36 -6.86
N ASN A 256 -22.58 -4.73 -5.94
CA ASN A 256 -22.19 -3.33 -6.16
C ASN A 256 -21.39 -3.20 -7.44
N PHE A 257 -20.43 -4.07 -7.65
CA PHE A 257 -19.59 -3.95 -8.84
C PHE A 257 -20.39 -4.19 -10.09
N THR A 258 -21.23 -5.23 -10.05
CA THR A 258 -22.06 -5.54 -11.21
C THR A 258 -22.99 -4.38 -11.51
N ALA A 259 -23.66 -3.82 -10.47
CA ALA A 259 -24.52 -2.67 -10.68
C ALA A 259 -23.76 -1.49 -11.26
N MET A 260 -22.55 -1.21 -10.74
CA MET A 260 -21.79 -0.09 -11.28
C MET A 260 -21.58 -0.29 -12.77
N LEU A 261 -21.16 -1.51 -13.18
CA LEU A 261 -20.85 -1.74 -14.59
C LEU A 261 -22.11 -1.61 -15.44
N LEU A 262 -23.22 -2.20 -14.96
CA LEU A 262 -24.43 -2.27 -15.77
C LEU A 262 -25.08 -0.92 -15.94
N ALA A 263 -24.70 0.06 -15.11
CA ALA A 263 -25.27 1.40 -15.20
C ALA A 263 -24.55 2.29 -16.21
N ARG A 264 -23.48 1.81 -16.83
CA ARG A 264 -22.79 2.60 -17.85
C ARG A 264 -23.24 2.20 -19.24
N PRO A 265 -23.13 3.12 -20.22
CA PRO A 265 -23.76 2.86 -21.54
C PRO A 265 -23.28 1.59 -22.20
N GLU A 266 -21.99 1.29 -22.09
CA GLU A 266 -21.38 0.11 -22.69
C GLU A 266 -21.41 -1.13 -21.79
N ARG A 267 -21.88 -1.00 -20.56
CA ARG A 267 -22.01 -2.13 -19.65
C ARG A 267 -20.79 -3.04 -19.57
N LEU A 268 -20.97 -4.31 -19.87
CA LEU A 268 -19.83 -5.19 -19.73
C LEU A 268 -18.84 -5.16 -20.90
N GLN A 269 -19.13 -4.49 -22.00
CA GLN A 269 -18.43 -4.69 -23.25
C GLN A 269 -16.96 -4.38 -23.14
N PRO A 270 -16.56 -3.32 -22.42
CA PRO A 270 -15.12 -3.10 -22.34
C PRO A 270 -14.31 -4.33 -21.83
N LEU A 271 -14.91 -5.06 -20.91
CA LEU A 271 -14.24 -6.21 -20.35
C LEU A 271 -14.46 -7.47 -21.18
N VAL A 272 -15.56 -7.54 -21.91
CA VAL A 272 -15.70 -8.59 -22.92
C VAL A 272 -14.58 -8.46 -23.94
N ASP A 273 -14.38 -7.22 -24.45
CA ASP A 273 -13.39 -6.92 -25.49
C ASP A 273 -11.94 -7.07 -24.99
N LYS A 274 -11.68 -6.68 -23.75
CA LYS A 274 -10.34 -6.71 -23.17
C LYS A 274 -10.37 -7.40 -21.82
N PRO A 275 -10.51 -8.73 -21.82
CA PRO A 275 -10.50 -9.50 -20.57
C PRO A 275 -9.31 -9.19 -19.70
N GLU A 276 -8.15 -8.85 -20.29
CA GLU A 276 -6.94 -8.66 -19.51
C GLU A 276 -7.03 -7.45 -18.58
N GLN A 277 -7.98 -6.57 -18.83
CA GLN A 277 -8.22 -5.40 -18.01
C GLN A 277 -9.11 -5.70 -16.81
N ILE A 278 -9.52 -6.95 -16.60
CA ILE A 278 -10.47 -7.22 -15.50
C ILE A 278 -9.80 -6.94 -14.15
N PRO A 279 -8.54 -7.36 -13.91
CA PRO A 279 -7.92 -7.05 -12.62
C PRO A 279 -7.91 -5.54 -12.30
N ALA A 280 -7.58 -4.67 -13.29
CA ALA A 280 -7.60 -3.22 -13.09
C ALA A 280 -9.00 -2.68 -12.81
N ALA A 281 -10.01 -3.23 -13.50
CA ALA A 281 -11.39 -2.85 -13.23
C ALA A 281 -11.74 -3.11 -11.78
N VAL A 282 -11.38 -4.30 -11.30
CA VAL A 282 -11.68 -4.70 -9.92
C VAL A 282 -11.09 -3.71 -8.94
N GLU A 283 -9.86 -3.23 -9.21
CA GLU A 283 -9.20 -2.28 -8.33
C GLU A 283 -9.84 -0.89 -8.40
N GLU A 284 -10.24 -0.46 -9.61
CA GLU A 284 -10.94 0.83 -9.72
C GLU A 284 -12.26 0.76 -9.01
N LEU A 285 -12.96 -0.37 -9.11
CA LEU A 285 -14.24 -0.49 -8.40
C LEU A 285 -14.03 -0.50 -6.88
N MET A 286 -12.96 -1.13 -6.41
CA MET A 286 -12.61 -1.14 -4.99
C MET A 286 -12.38 0.29 -4.50
N ARG A 287 -11.70 1.09 -5.32
CA ARG A 287 -11.51 2.50 -5.00
C ARG A 287 -12.82 3.27 -4.95
N HIS A 288 -13.70 3.06 -5.92
CA HIS A 288 -14.82 3.97 -6.18
C HIS A 288 -16.02 3.69 -5.28
N VAL A 289 -16.36 2.42 -5.12
CA VAL A 289 -17.56 2.00 -4.42
C VAL A 289 -17.42 2.37 -2.94
N PRO A 290 -18.26 3.28 -2.43
CA PRO A 290 -18.33 3.45 -0.96
C PRO A 290 -19.03 2.32 -0.28
N ILE A 291 -18.28 1.31 0.16
CA ILE A 291 -18.93 0.11 0.61
C ILE A 291 -19.53 0.27 1.99
N LEU A 292 -18.97 1.16 2.82
CA LEU A 292 -19.42 1.36 4.19
C LEU A 292 -20.50 2.44 4.28
N SER A 293 -21.61 2.10 4.93
CA SER A 293 -22.62 3.09 5.30
C SER A 293 -22.05 4.13 6.25
N GLY A 294 -21.51 3.69 7.39
CA GLY A 294 -20.75 4.59 8.25
C GLY A 294 -19.23 4.46 8.26
N PHE A 295 -18.67 3.63 9.15
CA PHE A 295 -17.22 3.48 9.25
C PHE A 295 -16.96 2.16 9.95
N SER A 296 -15.69 1.87 10.17
CA SER A 296 -15.28 0.54 10.66
C SER A 296 -15.02 0.58 12.17
N PHE A 297 -13.77 0.84 12.54
CA PHE A 297 -13.35 1.01 13.91
C PHE A 297 -12.64 2.34 14.06
N PRO A 298 -12.99 3.15 15.07
CA PRO A 298 -12.19 4.32 15.40
C PRO A 298 -10.83 3.89 15.91
N ARG A 299 -9.84 4.75 15.74
CA ARG A 299 -8.58 4.60 16.46
C ARG A 299 -8.47 5.74 17.47
N TYR A 300 -7.58 5.57 18.44
CA TYR A 300 -7.36 6.53 19.50
C TYR A 300 -5.89 6.90 19.47
N ALA A 301 -5.62 8.19 19.41
CA ALA A 301 -4.26 8.71 19.60
C ALA A 301 -3.68 8.27 20.95
N THR A 302 -2.43 7.81 20.92
CA THR A 302 -1.75 7.45 22.17
C THR A 302 -0.79 8.56 22.62
N GLU A 303 -0.72 9.66 21.89
CA GLU A 303 0.06 10.84 22.23
C GLU A 303 -0.46 11.98 21.37
N ASP A 304 -0.28 13.22 21.84
CA ASP A 304 -0.63 14.39 21.04
C ASP A 304 0.04 14.33 19.66
N LEU A 305 -0.71 14.68 18.63
CA LEU A 305 -0.13 14.76 17.29
C LEU A 305 -0.94 15.67 16.41
N GLU A 306 -0.31 16.13 15.31
CA GLU A 306 -0.91 17.07 14.38
C GLU A 306 -1.54 16.32 13.21
N MET A 307 -2.75 16.73 12.83
CA MET A 307 -3.38 16.15 11.63
C MET A 307 -4.31 17.19 10.98
N SER A 308 -4.03 17.49 9.72
CA SER A 308 -4.77 18.49 8.96
C SER A 308 -5.15 19.68 9.82
N GLY A 309 -4.13 20.25 10.44
CA GLY A 309 -4.22 21.54 11.09
C GLY A 309 -4.76 21.52 12.49
N VAL A 310 -4.93 20.34 13.07
CA VAL A 310 -5.52 20.19 14.38
C VAL A 310 -4.58 19.38 15.25
N THR A 311 -4.51 19.74 16.52
CA THR A 311 -3.76 18.92 17.47
C THR A 311 -4.73 17.89 18.03
N VAL A 312 -4.56 16.65 17.61
CA VAL A 312 -5.29 15.51 18.14
C VAL A 312 -4.63 15.12 19.46
N ARG A 313 -5.39 15.16 20.55
CA ARG A 313 -4.88 14.97 21.90
C ARG A 313 -4.91 13.50 22.29
N ARG A 314 -3.99 13.10 23.17
CA ARG A 314 -3.95 11.71 23.60
C ARG A 314 -5.35 11.31 24.01
N GLY A 315 -5.78 10.10 23.60
CA GLY A 315 -7.08 9.56 23.96
C GLY A 315 -8.24 9.83 22.98
N GLU A 316 -8.16 10.90 22.20
CA GLU A 316 -9.22 11.28 21.29
C GLU A 316 -9.33 10.32 20.10
N ALA A 317 -10.55 10.06 19.69
CA ALA A 317 -10.84 9.15 18.60
C ALA A 317 -10.73 9.84 17.25
N VAL A 318 -10.24 9.08 16.25
CA VAL A 318 -10.21 9.53 14.87
C VAL A 318 -10.72 8.37 14.05
N ILE A 319 -11.64 8.65 13.14
CA ILE A 319 -12.26 7.63 12.30
C ILE A 319 -11.58 7.66 10.95
N PRO A 320 -11.02 6.54 10.47
CA PRO A 320 -10.49 6.48 9.11
C PRO A 320 -11.60 6.26 8.07
N VAL A 321 -11.95 7.31 7.34
CA VAL A 321 -13.01 7.21 6.33
C VAL A 321 -12.34 6.79 5.03
N ILE A 322 -12.30 5.48 4.81
CA ILE A 322 -11.59 4.94 3.64
C ILE A 322 -12.24 5.41 2.34
N ALA A 323 -13.57 5.54 2.33
CA ALA A 323 -14.24 5.98 1.10
C ALA A 323 -13.79 7.37 0.70
N ALA A 324 -13.62 8.26 1.68
CA ALA A 324 -13.17 9.61 1.39
C ALA A 324 -11.73 9.63 0.92
N ALA A 325 -10.89 8.81 1.54
CA ALA A 325 -9.50 8.73 1.13
C ALA A 325 -9.42 8.32 -0.33
N ASN A 326 -10.25 7.36 -0.75
CA ASN A 326 -10.28 6.87 -2.13
C ASN A 326 -10.76 7.89 -3.15
N ARG A 327 -11.27 9.04 -2.70
CA ARG A 327 -11.61 10.14 -3.60
C ARG A 327 -10.88 11.42 -3.24
N ASP A 328 -9.74 11.28 -2.56
CA ASP A 328 -8.89 12.43 -2.25
C ASP A 328 -8.57 13.25 -3.50
N PRO A 329 -8.89 14.55 -3.51
CA PRO A 329 -8.80 15.27 -4.78
C PRO A 329 -7.38 15.46 -5.24
N ASP A 330 -6.38 15.36 -4.36
CA ASP A 330 -5.00 15.54 -4.81
C ASP A 330 -4.36 14.23 -5.23
N VAL A 331 -4.83 13.13 -4.65
CA VAL A 331 -4.31 11.83 -5.07
C VAL A 331 -4.98 11.39 -6.37
N TYR A 332 -6.29 11.62 -6.51
CA TYR A 332 -7.06 11.08 -7.64
C TYR A 332 -7.73 12.19 -8.44
N PRO A 333 -7.15 12.64 -9.54
CA PRO A 333 -7.87 13.62 -10.37
C PRO A 333 -9.21 13.05 -10.82
N ASP A 334 -10.21 13.92 -10.92
CA ASP A 334 -11.55 13.50 -11.35
C ASP A 334 -11.99 12.25 -10.60
N ALA A 335 -11.92 12.35 -9.27
CA ALA A 335 -12.01 11.17 -8.42
C ALA A 335 -13.37 10.48 -8.53
N GLY A 336 -14.45 11.23 -8.76
CA GLY A 336 -15.81 10.71 -8.87
C GLY A 336 -16.06 9.89 -10.10
N ARG A 337 -15.20 10.00 -11.10
CA ARG A 337 -15.32 9.24 -12.33
C ARG A 337 -14.83 7.82 -12.11
N LEU A 338 -15.66 6.87 -12.49
CA LEU A 338 -15.26 5.48 -12.53
C LEU A 338 -14.55 5.23 -13.86
N ASP A 339 -13.25 5.08 -13.80
CA ASP A 339 -12.40 4.93 -14.97
C ASP A 339 -11.65 3.62 -14.79
N LEU A 340 -12.13 2.59 -15.47
CA LEU A 340 -11.65 1.24 -15.25
C LEU A 340 -10.20 1.10 -15.68
N GLU A 341 -9.64 2.08 -16.40
CA GLU A 341 -8.22 2.07 -16.74
C GLU A 341 -7.35 2.93 -15.81
N ARG A 342 -7.97 3.60 -14.82
CA ARG A 342 -7.26 4.56 -13.97
C ARG A 342 -5.92 4.07 -13.50
N ASN A 343 -5.82 2.91 -12.83
CA ASN A 343 -4.52 2.52 -12.24
C ASN A 343 -3.98 3.68 -11.37
N GLY A 344 -4.87 4.21 -10.53
CA GLY A 344 -4.48 5.28 -9.62
C GLY A 344 -3.51 4.75 -8.58
N LEU A 345 -2.98 5.63 -7.77
CA LEU A 345 -2.17 5.24 -6.61
C LEU A 345 -3.00 4.26 -5.79
N PRO A 346 -2.39 3.50 -4.88
CA PRO A 346 -3.08 2.37 -4.23
C PRO A 346 -4.20 2.83 -3.34
N HIS A 347 -5.40 2.34 -3.63
CA HIS A 347 -6.54 2.71 -2.82
C HIS A 347 -6.44 2.10 -1.41
N LEU A 348 -7.28 2.61 -0.51
CA LEU A 348 -7.40 2.08 0.84
C LEU A 348 -8.64 1.23 1.06
N GLY A 349 -9.16 0.65 -0.01
CA GLY A 349 -10.40 -0.12 0.08
C GLY A 349 -10.29 -1.38 0.90
N PHE A 350 -9.05 -1.89 1.08
CA PHE A 350 -8.77 -3.03 1.95
C PHE A 350 -8.09 -2.57 3.24
N GLY A 351 -8.11 -1.26 3.48
CA GLY A 351 -7.41 -0.67 4.62
C GLY A 351 -5.91 -0.54 4.42
N GLN A 352 -5.20 -0.61 5.54
CA GLN A 352 -3.77 -0.33 5.55
C GLN A 352 -3.25 -0.63 6.95
N GLY A 353 -1.95 -0.87 7.05
CA GLY A 353 -1.32 -1.14 8.32
C GLY A 353 -1.69 -2.49 8.88
N PRO A 354 -1.57 -2.62 10.21
CA PRO A 354 -1.82 -3.93 10.84
C PRO A 354 -3.08 -4.65 10.39
N HIS A 355 -4.22 -3.93 10.36
CA HIS A 355 -5.52 -4.54 10.13
C HIS A 355 -5.93 -4.56 8.65
N PHE A 356 -4.99 -4.31 7.74
CA PHE A 356 -5.18 -4.50 6.30
C PHE A 356 -5.82 -5.87 6.02
N CYS A 357 -6.90 -5.84 5.24
CA CYS A 357 -7.74 -7.00 5.05
C CYS A 357 -6.99 -8.30 4.81
N ILE A 358 -7.09 -9.22 5.77
CA ILE A 358 -6.41 -10.50 5.63
C ILE A 358 -6.96 -11.23 4.43
N GLY A 359 -8.21 -10.92 4.04
CA GLY A 359 -8.78 -11.59 2.88
C GLY A 359 -8.56 -10.90 1.53
N ALA A 360 -7.69 -9.92 1.49
CA ALA A 360 -7.63 -9.04 0.32
C ALA A 360 -7.43 -9.84 -0.96
N HIS A 361 -6.53 -10.81 -0.94
CA HIS A 361 -6.27 -11.51 -2.21
C HIS A 361 -7.41 -12.44 -2.58
N LEU A 362 -8.06 -13.04 -1.57
CA LEU A 362 -9.20 -13.91 -1.85
C LEU A 362 -10.37 -13.10 -2.43
N ALA A 363 -10.62 -11.90 -1.90
CA ALA A 363 -11.67 -11.01 -2.47
C ALA A 363 -11.35 -10.60 -3.91
N ARG A 364 -10.08 -10.29 -4.18
CA ARG A 364 -9.64 -9.97 -5.54
C ARG A 364 -9.87 -11.16 -6.47
N VAL A 365 -9.53 -12.35 -6.01
CA VAL A 365 -9.74 -13.56 -6.79
C VAL A 365 -11.23 -13.74 -7.07
N GLU A 366 -12.05 -13.71 -6.02
CA GLU A 366 -13.50 -13.82 -6.19
C GLU A 366 -14.07 -12.81 -7.19
N LEU A 367 -13.71 -11.53 -7.03
CA LEU A 367 -14.27 -10.47 -7.83
C LEU A 367 -13.76 -10.55 -9.25
N GLN A 368 -12.48 -10.88 -9.42
CA GLN A 368 -11.97 -11.07 -10.77
C GLN A 368 -12.69 -12.24 -11.44
N VAL A 369 -12.76 -13.39 -10.75
CA VAL A 369 -13.39 -14.56 -11.37
C VAL A 369 -14.83 -14.24 -11.72
N VAL A 370 -15.55 -13.58 -10.81
CA VAL A 370 -16.91 -13.18 -11.14
C VAL A 370 -16.97 -12.38 -12.45
N LEU A 371 -16.08 -11.39 -12.65
CA LEU A 371 -16.21 -10.59 -13.87
C LEU A 371 -15.81 -11.38 -15.11
N GLU A 372 -14.79 -12.25 -14.96
CA GLU A 372 -14.48 -13.18 -16.02
C GLU A 372 -15.72 -13.99 -16.42
N ALA A 373 -16.38 -14.58 -15.41
CA ALA A 373 -17.45 -15.53 -15.72
C ALA A 373 -18.63 -14.78 -16.33
N LEU A 374 -18.90 -13.57 -15.86
CA LEU A 374 -20.04 -12.82 -16.34
C LEU A 374 -19.85 -12.28 -17.75
N THR A 375 -18.65 -11.74 -18.04
CA THR A 375 -18.34 -11.24 -19.38
C THR A 375 -18.30 -12.38 -20.39
N GLU A 376 -17.71 -13.52 -20.01
CA GLU A 376 -17.57 -14.64 -20.93
C GLU A 376 -18.92 -15.26 -21.25
N ARG A 377 -19.80 -15.35 -20.27
CA ARG A 377 -21.06 -16.06 -20.40
C ARG A 377 -22.24 -15.17 -20.73
N PHE A 378 -22.27 -13.93 -20.24
CA PHE A 378 -23.38 -13.02 -20.49
C PHE A 378 -22.89 -11.67 -21.03
N PRO A 379 -22.23 -11.65 -22.19
CA PRO A 379 -21.64 -10.39 -22.64
C PRO A 379 -22.65 -9.26 -22.68
N ASP A 380 -23.93 -9.54 -22.91
CA ASP A 380 -24.93 -8.49 -23.03
C ASP A 380 -25.73 -8.32 -21.75
N LEU A 381 -25.19 -8.77 -20.62
CA LEU A 381 -25.84 -8.57 -19.32
C LEU A 381 -26.31 -7.15 -19.21
N ARG A 382 -27.50 -6.99 -18.64
CA ARG A 382 -28.10 -5.68 -18.40
C ARG A 382 -29.00 -5.74 -17.18
N PHE A 383 -29.35 -4.57 -16.67
CA PHE A 383 -30.33 -4.53 -15.59
C PHE A 383 -31.60 -5.21 -16.08
N GLY A 384 -32.22 -5.99 -15.19
CA GLY A 384 -33.50 -6.64 -15.47
C GLY A 384 -34.72 -5.81 -15.09
N ILE A 385 -34.50 -4.72 -14.37
CA ILE A 385 -35.53 -3.75 -14.00
C ILE A 385 -34.96 -2.37 -14.29
N PRO A 386 -35.80 -1.34 -14.36
CA PRO A 386 -35.23 -0.01 -14.53
C PRO A 386 -34.33 0.27 -13.36
N GLU A 387 -33.29 1.06 -13.62
CA GLU A 387 -32.30 1.32 -12.58
C GLU A 387 -32.92 2.04 -11.40
N ASN A 388 -33.92 2.90 -11.65
CA ASN A 388 -34.53 3.69 -10.58
C ASN A 388 -35.28 2.86 -9.56
N ALA A 389 -35.65 1.63 -9.94
CA ALA A 389 -36.38 0.71 -9.08
C ALA A 389 -35.48 -0.15 -8.18
N LEU A 390 -34.16 -0.05 -8.31
CA LEU A 390 -33.26 -0.90 -7.54
C LEU A 390 -33.47 -0.69 -6.04
N LYS A 391 -33.46 -1.79 -5.30
CA LYS A 391 -33.74 -1.76 -3.87
C LYS A 391 -32.44 -1.78 -3.05
N TRP A 392 -31.94 -0.59 -2.73
CA TRP A 392 -30.75 -0.42 -1.92
C TRP A 392 -31.05 -0.61 -0.43
N LYS A 393 -30.10 -1.21 0.28
CA LYS A 393 -30.22 -1.40 1.72
C LYS A 393 -30.18 -0.05 2.43
N ARG A 394 -30.68 -0.04 3.67
CA ARG A 394 -30.89 1.24 4.37
C ARG A 394 -30.30 1.30 5.77
N GLY A 395 -30.23 0.16 6.48
CA GLY A 395 -29.75 0.17 7.86
C GLY A 395 -28.63 -0.80 8.19
N HIS A 396 -27.91 -1.20 7.16
CA HIS A 396 -26.81 -2.14 7.27
C HIS A 396 -25.51 -1.37 7.46
N PHE A 397 -24.55 -2.03 8.09
CA PHE A 397 -23.18 -1.54 8.14
C PHE A 397 -22.66 -1.21 6.74
N MET A 398 -23.05 -2.01 5.74
CA MET A 398 -22.62 -1.83 4.36
C MET A 398 -23.69 -1.30 3.41
N ASN A 399 -23.23 -0.68 2.33
CA ASN A 399 -24.10 -0.32 1.23
C ASN A 399 -24.18 -1.48 0.23
N GLY A 400 -25.37 -1.69 -0.32
CA GLY A 400 -25.61 -2.74 -1.29
C GLY A 400 -27.08 -2.82 -1.68
N LEU A 401 -27.40 -3.93 -2.35
CA LEU A 401 -28.72 -4.15 -2.93
C LEU A 401 -29.40 -5.30 -2.21
N HIS A 402 -30.71 -5.17 -1.97
CA HIS A 402 -31.49 -6.33 -1.53
C HIS A 402 -31.60 -7.33 -2.67
N GLU A 403 -31.70 -6.80 -3.89
CA GLU A 403 -31.84 -7.62 -5.08
C GLU A 403 -31.16 -6.93 -6.26
N LEU A 404 -30.75 -7.71 -7.24
CA LEU A 404 -30.12 -7.19 -8.47
C LEU A 404 -30.67 -8.02 -9.62
N PRO A 405 -31.88 -7.67 -10.10
CA PRO A 405 -32.41 -8.36 -11.28
C PRO A 405 -31.56 -8.04 -12.50
N VAL A 406 -31.11 -9.10 -13.19
CA VAL A 406 -30.32 -8.98 -14.40
C VAL A 406 -30.99 -9.75 -15.53
N ALA A 407 -30.84 -9.23 -16.75
CA ALA A 407 -31.34 -9.88 -17.95
C ALA A 407 -30.21 -10.08 -18.95
N TRP A 408 -30.43 -11.02 -19.84
CA TRP A 408 -29.45 -11.46 -20.84
C TRP A 408 -30.41 -12.02 -21.91
N LEU B 19 27.16 -20.59 2.94
CA LEU B 19 25.90 -19.93 2.52
C LEU B 19 26.01 -19.26 1.15
N LEU B 20 24.86 -18.99 0.53
CA LEU B 20 24.82 -18.16 -0.67
C LEU B 20 25.35 -16.78 -0.36
N THR B 21 26.12 -16.23 -1.29
CA THR B 21 26.58 -14.85 -1.19
C THR B 21 25.58 -13.94 -1.91
N PHE B 22 25.28 -12.81 -1.27
CA PHE B 22 24.33 -11.81 -1.74
C PHE B 22 25.02 -10.48 -1.54
N PRO B 23 24.84 -9.51 -2.45
CA PRO B 23 23.97 -9.55 -3.64
C PRO B 23 24.35 -10.59 -4.69
N PHE B 24 23.38 -10.98 -5.51
CA PHE B 24 23.62 -11.94 -6.59
C PHE B 24 24.21 -11.27 -7.85
N ALA B 25 24.73 -12.08 -8.76
CA ALA B 25 25.36 -11.57 -9.99
C ALA B 25 24.31 -10.94 -10.89
N SER B 26 24.58 -9.73 -11.38
CA SER B 26 23.65 -9.13 -12.35
C SER B 26 24.32 -7.93 -13.02
N THR B 27 23.93 -7.65 -14.26
CA THR B 27 24.43 -6.47 -14.94
C THR B 27 23.29 -5.51 -15.30
N GLY B 28 23.51 -4.24 -15.04
CA GLY B 28 22.52 -3.26 -15.44
C GLY B 28 21.21 -3.51 -14.69
N LEU B 29 20.11 -3.55 -15.42
CA LEU B 29 18.78 -3.71 -14.86
C LEU B 29 18.34 -5.17 -14.91
N GLU B 30 19.30 -6.07 -15.13
CA GLU B 30 19.02 -7.51 -15.13
C GLU B 30 18.43 -7.99 -13.82
N PHE B 31 17.40 -8.82 -13.94
CA PHE B 31 16.83 -9.56 -12.82
C PHE B 31 17.39 -10.97 -12.89
N PRO B 32 18.23 -11.40 -11.95
CA PRO B 32 18.91 -12.70 -12.14
C PRO B 32 18.00 -13.88 -11.84
N PRO B 33 18.17 -14.99 -12.59
CA PRO B 33 17.23 -16.11 -12.51
C PRO B 33 17.32 -16.90 -11.23
N VAL B 34 18.35 -16.69 -10.41
CA VAL B 34 18.40 -17.35 -9.11
C VAL B 34 17.12 -17.07 -8.32
N TYR B 35 16.48 -15.92 -8.52
CA TYR B 35 15.27 -15.61 -7.75
C TYR B 35 14.16 -16.58 -8.13
N HIS B 36 14.07 -16.94 -9.42
CA HIS B 36 13.06 -17.91 -9.85
C HIS B 36 13.18 -19.22 -9.08
N GLU B 37 14.41 -19.59 -8.68
CA GLU B 37 14.61 -20.77 -7.84
C GLU B 37 14.19 -20.49 -6.40
N LEU B 38 14.63 -19.34 -5.85
CA LEU B 38 14.34 -19.04 -4.45
C LEU B 38 12.86 -18.83 -4.14
N TYR B 39 12.06 -18.34 -5.09
CA TYR B 39 10.63 -18.20 -4.86
C TYR B 39 10.00 -19.52 -4.43
N GLN B 40 10.55 -20.65 -4.90
CA GLN B 40 9.98 -21.96 -4.60
C GLN B 40 10.42 -22.50 -3.24
N GLN B 41 11.44 -21.92 -2.63
CA GLN B 41 12.08 -22.47 -1.45
C GLN B 41 11.72 -21.73 -0.16
N ARG B 42 12.15 -22.33 0.95
CA ARG B 42 11.97 -21.70 2.23
C ARG B 42 12.90 -20.49 2.29
N LEU B 43 12.60 -19.61 3.23
CA LEU B 43 13.48 -18.50 3.54
C LEU B 43 14.92 -18.99 3.62
N THR B 44 15.80 -18.28 2.92
CA THR B 44 17.19 -18.66 2.72
C THR B 44 18.17 -17.66 3.36
N LYS B 45 19.14 -18.16 4.12
CA LYS B 45 20.16 -17.32 4.73
C LYS B 45 21.27 -17.03 3.73
N VAL B 46 21.82 -15.81 3.77
CA VAL B 46 22.87 -15.44 2.82
C VAL B 46 23.99 -14.75 3.57
N ARG B 47 25.17 -14.69 2.93
CA ARG B 47 26.32 -14.00 3.46
C ARG B 47 26.52 -12.69 2.69
N LEU B 48 26.84 -11.65 3.40
CA LEU B 48 26.97 -10.33 2.83
C LEU B 48 28.44 -9.89 2.85
N PRO B 49 28.78 -8.89 2.05
CA PRO B 49 30.18 -8.44 2.02
C PRO B 49 30.72 -7.98 3.36
N TYR B 50 29.86 -7.43 4.23
CA TYR B 50 30.24 -7.02 5.57
C TYR B 50 29.07 -7.31 6.51
N GLY B 51 29.40 -7.45 7.78
CA GLY B 51 28.37 -7.64 8.80
C GLY B 51 27.91 -9.07 8.97
N ASP B 52 26.91 -9.23 9.83
CA ASP B 52 26.32 -10.55 10.03
C ASP B 52 25.65 -11.06 8.76
N ASP B 53 25.37 -12.38 8.74
CA ASP B 53 24.53 -13.02 7.75
C ASP B 53 23.09 -12.57 7.95
N ALA B 54 22.24 -12.83 6.97
CA ALA B 54 20.83 -12.47 7.09
C ALA B 54 19.96 -13.35 6.18
N TYR B 55 18.71 -13.49 6.56
CA TYR B 55 17.75 -14.15 5.69
C TYR B 55 17.32 -13.21 4.57
N LEU B 56 16.94 -13.79 3.43
CA LEU B 56 16.52 -13.03 2.24
C LEU B 56 15.00 -13.10 2.07
N ALA B 57 14.32 -12.04 2.48
CA ALA B 57 12.87 -11.93 2.24
C ALA B 57 12.66 -11.61 0.78
N ILE B 58 11.99 -12.52 0.02
CA ILE B 58 11.78 -12.26 -1.42
C ILE B 58 10.32 -12.37 -1.87
N ARG B 59 9.51 -13.12 -1.13
CA ARG B 59 8.09 -13.15 -1.47
C ARG B 59 7.50 -11.81 -1.11
N TYR B 60 6.42 -11.47 -1.83
CA TYR B 60 5.75 -10.18 -1.69
C TYR B 60 5.31 -9.97 -0.26
N ALA B 61 4.66 -10.98 0.31
CA ALA B 61 4.08 -10.82 1.64
C ALA B 61 5.18 -10.71 2.67
N ASP B 62 6.30 -11.39 2.42
CA ASP B 62 7.41 -11.45 3.38
C ASP B 62 8.14 -10.12 3.41
N VAL B 63 8.37 -9.52 2.25
CA VAL B 63 9.03 -8.21 2.22
C VAL B 63 8.13 -7.18 2.89
N LYS B 64 6.82 -7.29 2.65
CA LYS B 64 5.85 -6.38 3.24
C LYS B 64 5.89 -6.55 4.75
N THR B 65 6.04 -7.79 5.22
CA THR B 65 6.14 -8.03 6.66
C THR B 65 7.38 -7.37 7.24
N VAL B 66 8.55 -7.64 6.64
CA VAL B 66 9.81 -7.07 7.13
C VAL B 66 9.76 -5.55 7.19
N LEU B 67 9.09 -4.92 6.24
CA LEU B 67 9.08 -3.46 6.18
C LEU B 67 8.05 -2.84 7.14
N SER B 68 7.04 -3.59 7.53
CA SER B 68 5.79 -3.10 8.10
C SER B 68 5.56 -3.56 9.53
N ASP B 69 5.94 -4.79 9.82
CA ASP B 69 5.52 -5.45 11.04
C ASP B 69 6.40 -4.94 12.19
N SER B 70 5.76 -4.57 13.31
CA SER B 70 6.53 -4.00 14.42
C SER B 70 7.50 -4.99 15.04
N ARG B 71 7.41 -6.27 14.69
CA ARG B 71 8.39 -7.23 15.19
C ARG B 71 9.67 -7.25 14.36
N PHE B 72 9.82 -6.31 13.42
CA PHE B 72 11.09 -6.12 12.71
C PHE B 72 11.53 -4.70 13.02
N SER B 73 12.62 -4.57 13.75
CA SER B 73 13.22 -3.29 14.08
C SER B 73 14.28 -2.93 13.06
N ILE B 74 14.45 -1.64 12.75
CA ILE B 74 15.53 -1.23 11.85
C ILE B 74 16.79 -0.95 12.62
N VAL B 75 16.75 -1.08 13.92
CA VAL B 75 17.84 -0.72 14.82
C VAL B 75 18.48 -2.00 15.36
N ALA B 76 19.82 -2.02 15.34
CA ALA B 76 20.61 -3.16 15.82
C ALA B 76 20.88 -2.99 17.30
N SER B 77 19.93 -3.39 18.14
CA SER B 77 20.03 -3.18 19.57
C SER B 77 20.40 -4.45 20.32
N LEU B 78 20.80 -5.50 19.62
CA LEU B 78 21.20 -6.71 20.29
C LEU B 78 22.58 -7.17 19.84
N GLY B 79 23.47 -6.21 19.63
CA GLY B 79 24.86 -6.46 19.31
C GLY B 79 25.13 -6.90 17.89
N GLN B 80 24.21 -6.69 16.97
CA GLN B 80 24.39 -7.18 15.61
C GLN B 80 25.39 -6.31 14.87
N ASP B 81 26.10 -6.94 13.93
CA ASP B 81 26.97 -6.25 12.99
C ASP B 81 26.20 -6.10 11.68
N GLN B 82 25.81 -4.87 11.37
CA GLN B 82 24.83 -4.63 10.32
C GLN B 82 25.17 -5.31 9.00
N PRO B 83 24.34 -6.25 8.53
CA PRO B 83 24.56 -6.77 7.16
C PRO B 83 24.50 -5.62 6.18
N ARG B 84 25.48 -5.57 5.26
CA ARG B 84 25.62 -4.42 4.38
C ARG B 84 26.61 -4.71 3.24
N THR B 85 26.62 -3.79 2.27
CA THR B 85 27.52 -3.84 1.13
C THR B 85 28.59 -2.77 1.21
N ARG B 86 28.48 -1.84 2.16
CA ARG B 86 29.46 -0.77 2.32
C ARG B 86 30.30 -1.02 3.56
N ALA B 87 31.59 -0.75 3.44
CA ALA B 87 32.52 -1.11 4.52
C ALA B 87 32.09 -0.48 5.82
N GLY B 88 31.67 0.78 5.79
CA GLY B 88 31.25 1.48 6.98
C GLY B 88 29.76 1.35 7.23
N ALA B 89 29.41 0.85 8.41
CA ALA B 89 28.02 0.66 8.81
C ALA B 89 27.23 1.94 8.63
N ARG B 90 25.98 1.78 8.25
CA ARG B 90 25.14 2.93 7.88
C ARG B 90 24.48 3.40 9.15
N VAL B 91 25.15 4.32 9.88
CA VAL B 91 24.74 4.76 11.21
C VAL B 91 24.54 6.29 11.33
N GLY B 92 23.46 6.70 11.98
CA GLY B 92 23.25 8.13 12.19
C GLY B 92 22.11 8.43 13.15
N ASN B 93 21.55 9.63 13.05
CA ASN B 93 20.50 10.09 13.93
C ASN B 93 19.24 10.49 13.18
N GLY B 94 19.13 10.07 11.92
CA GLY B 94 17.98 10.35 11.09
C GLY B 94 16.98 9.21 10.97
N LEU B 95 16.18 9.28 9.89
CA LEU B 95 14.93 8.53 9.85
C LEU B 95 15.20 7.05 9.71
N PHE B 96 16.30 6.67 9.05
CA PHE B 96 16.64 5.27 8.88
C PHE B 96 17.28 4.67 10.12
N SER B 97 17.51 5.46 11.17
CA SER B 97 18.10 4.94 12.40
C SER B 97 17.07 4.80 13.52
N LEU B 98 15.78 4.98 13.23
CA LEU B 98 14.78 5.07 14.27
C LEU B 98 13.61 4.12 14.00
N ASP B 99 13.05 3.57 15.08
CA ASP B 99 11.77 2.87 14.97
C ASP B 99 10.67 3.77 15.47
N PRO B 100 9.43 3.49 15.08
CA PRO B 100 8.30 4.12 15.74
C PRO B 100 8.30 3.75 17.22
N PRO B 101 7.84 4.67 18.09
CA PRO B 101 7.27 5.97 17.77
C PRO B 101 8.27 7.11 17.56
N GLN B 102 9.53 6.89 17.92
CA GLN B 102 10.54 7.93 17.79
C GLN B 102 10.68 8.32 16.32
N HIS B 103 10.67 7.33 15.43
CA HIS B 103 10.74 7.64 14.01
C HIS B 103 9.55 8.50 13.58
N SER B 104 8.36 8.21 14.09
CA SER B 104 7.15 8.86 13.62
C SER B 104 7.13 10.33 14.03
N ARG B 105 7.58 10.63 15.22
CA ARG B 105 7.59 12.02 15.66
C ARG B 105 8.64 12.80 14.89
N LEU B 106 9.82 12.23 14.69
CA LEU B 106 10.84 12.95 13.91
C LEU B 106 10.34 13.22 12.50
N ARG B 107 9.82 12.19 11.84
CA ARG B 107 9.35 12.35 10.47
C ARG B 107 8.20 13.33 10.37
N SER B 108 7.35 13.43 11.39
CA SER B 108 6.21 14.36 11.32
C SER B 108 6.65 15.82 11.20
N VAL B 109 7.91 16.13 11.58
CA VAL B 109 8.48 17.43 11.28
C VAL B 109 8.42 17.72 9.78
N LEU B 110 8.75 16.72 8.95
CA LEU B 110 8.68 16.88 7.48
C LEU B 110 7.30 16.54 6.87
N GLY B 111 6.41 15.93 7.63
CA GLY B 111 5.20 15.36 7.09
C GLY B 111 4.47 16.20 6.09
N ARG B 112 4.09 17.41 6.52
CA ARG B 112 3.17 18.24 5.76
C ARG B 112 3.79 18.71 4.45
N ASP B 113 5.12 18.72 4.36
CA ASP B 113 5.76 19.19 3.14
C ASP B 113 5.71 18.15 2.02
N PHE B 114 5.39 16.89 2.32
CA PHE B 114 5.48 15.81 1.33
C PHE B 114 4.15 15.08 1.08
N THR B 115 3.04 15.59 1.61
CA THR B 115 1.75 15.00 1.32
C THR B 115 1.31 15.32 -0.10
N PRO B 116 0.48 14.43 -0.70
CA PRO B 116 -0.06 14.74 -2.04
C PRO B 116 -0.57 16.15 -2.19
N ARG B 117 -1.34 16.67 -1.21
CA ARG B 117 -1.91 18.00 -1.34
C ARG B 117 -0.83 19.07 -1.51
N ARG B 118 0.31 18.91 -0.83
CA ARG B 118 1.42 19.86 -0.93
C ARG B 118 2.26 19.65 -2.19
N VAL B 119 2.56 18.40 -2.51
CA VAL B 119 3.44 18.14 -3.63
C VAL B 119 2.74 18.41 -4.95
N GLU B 120 1.41 18.21 -5.02
CA GLU B 120 0.71 18.50 -6.26
C GLU B 120 0.87 19.98 -6.66
N LYS B 121 1.11 20.86 -5.69
CA LYS B 121 1.31 22.27 -5.99
C LYS B 121 2.67 22.54 -6.63
N LEU B 122 3.58 21.58 -6.59
CA LEU B 122 4.88 21.73 -7.22
C LEU B 122 4.89 21.27 -8.67
N ARG B 123 3.80 20.67 -9.15
CA ARG B 123 3.80 20.11 -10.50
C ARG B 123 4.34 21.10 -11.51
N GLU B 124 3.84 22.34 -11.45
CA GLU B 124 4.15 23.36 -12.45
C GLU B 124 5.64 23.73 -12.40
N ARG B 125 6.20 23.91 -11.21
CA ARG B 125 7.62 24.20 -11.10
C ARG B 125 8.49 23.03 -11.58
N VAL B 126 8.02 21.80 -11.38
CA VAL B 126 8.78 20.64 -11.85
C VAL B 126 8.82 20.64 -13.37
N ARG B 127 7.68 20.93 -14.01
CA ARG B 127 7.65 21.01 -15.46
C ARG B 127 8.51 22.19 -15.96
N GLU B 128 8.40 23.35 -15.31
CA GLU B 128 9.22 24.52 -15.61
C GLU B 128 10.70 24.16 -15.65
N LEU B 129 11.21 23.55 -14.57
CA LEU B 129 12.61 23.12 -14.55
C LEU B 129 12.91 22.07 -15.62
N THR B 130 11.99 21.13 -15.77
CA THR B 130 12.18 20.12 -16.79
C THR B 130 12.30 20.77 -18.17
N ASP B 131 11.44 21.75 -18.46
CA ASP B 131 11.50 22.46 -19.74
C ASP B 131 12.81 23.22 -19.94
N GLN B 132 13.26 23.91 -18.88
CA GLN B 132 14.53 24.63 -18.94
C GLN B 132 15.65 23.68 -19.27
N CYS B 133 15.66 22.47 -18.64
CA CYS B 133 16.69 21.47 -18.95
C CYS B 133 16.62 21.02 -20.40
N LEU B 134 15.40 20.73 -20.87
CA LEU B 134 15.25 20.27 -22.25
C LEU B 134 15.55 21.37 -23.28
N ASP B 135 15.26 22.65 -22.96
CA ASP B 135 15.68 23.71 -23.88
C ASP B 135 17.18 23.66 -24.07
N ARG B 136 17.90 23.52 -22.96
CA ARG B 136 19.34 23.44 -23.00
C ARG B 136 19.78 22.24 -23.81
N MET B 137 19.19 21.06 -23.55
CA MET B 137 19.55 19.85 -24.29
C MET B 137 19.29 20.03 -25.78
N GLU B 138 18.14 20.59 -26.12
CA GLU B 138 17.83 20.83 -27.52
C GLU B 138 18.88 21.73 -28.12
N ALA B 139 19.28 22.78 -27.38
CA ALA B 139 20.27 23.72 -27.90
C ALA B 139 21.57 23.01 -28.20
N ALA B 140 22.00 22.13 -27.28
CA ALA B 140 23.22 21.37 -27.44
C ALA B 140 23.17 20.53 -28.71
N GLY B 141 21.99 20.06 -29.07
CA GLY B 141 21.76 19.31 -30.31
C GLY B 141 21.91 17.82 -30.15
N SER B 142 21.20 17.08 -31.02
CA SER B 142 21.20 15.62 -31.02
C SER B 142 22.49 15.08 -31.65
N PRO B 143 23.08 14.01 -31.11
CA PRO B 143 22.73 13.29 -29.88
C PRO B 143 23.24 14.00 -28.67
N ALA B 144 22.52 13.91 -27.54
CA ALA B 144 22.91 14.56 -26.30
C ALA B 144 22.68 13.64 -25.11
N ASP B 145 23.39 13.91 -24.02
CA ASP B 145 23.36 13.01 -22.84
C ASP B 145 22.26 13.45 -21.89
N LEU B 146 21.18 12.67 -21.83
CA LEU B 146 20.02 12.96 -21.00
C LEU B 146 20.37 12.93 -19.51
N VAL B 147 21.40 12.20 -19.11
CA VAL B 147 21.80 12.19 -17.70
C VAL B 147 22.32 13.57 -17.31
N ALA B 148 23.34 14.05 -18.03
CA ALA B 148 23.91 15.38 -17.75
C ALA B 148 22.92 16.52 -17.97
N HIS B 149 22.02 16.39 -18.94
CA HIS B 149 21.13 17.49 -19.30
C HIS B 149 19.79 17.50 -18.58
N LEU B 150 19.29 16.35 -18.11
CA LEU B 150 18.03 16.36 -17.37
C LEU B 150 18.06 15.54 -16.07
N ALA B 151 18.46 14.28 -16.14
CA ALA B 151 18.30 13.41 -14.95
C ALA B 151 19.01 13.97 -13.72
N VAL B 152 20.17 14.59 -13.89
CA VAL B 152 20.89 15.09 -12.73
C VAL B 152 20.33 16.46 -12.35
N PRO B 153 20.29 17.43 -13.26
CA PRO B 153 19.96 18.78 -12.81
C PRO B 153 18.54 18.99 -12.36
N MET B 154 17.57 18.33 -12.96
CA MET B 154 16.20 18.72 -12.63
C MET B 154 15.83 18.31 -11.22
N PRO B 155 16.00 17.05 -10.82
CA PRO B 155 15.62 16.68 -9.45
C PRO B 155 16.51 17.31 -8.40
N THR B 156 17.80 17.47 -8.68
CA THR B 156 18.66 18.28 -7.82
C THR B 156 18.09 19.66 -7.59
N ALA B 157 17.70 20.34 -8.67
CA ALA B 157 17.14 21.69 -8.52
C ALA B 157 15.85 21.64 -7.71
N VAL B 158 15.02 20.61 -7.93
CA VAL B 158 13.73 20.56 -7.26
C VAL B 158 13.93 20.55 -5.75
N VAL B 159 14.77 19.65 -5.22
CA VAL B 159 14.94 19.51 -3.77
C VAL B 159 15.69 20.70 -3.20
N CYS B 160 16.74 21.13 -3.90
CA CYS B 160 17.55 22.23 -3.40
C CYS B 160 16.73 23.50 -3.32
N GLU B 161 15.87 23.75 -4.32
CA GLU B 161 14.94 24.88 -4.24
C GLU B 161 13.99 24.74 -3.06
N MET B 162 13.49 23.51 -2.84
CA MET B 162 12.59 23.27 -1.72
C MET B 162 13.27 23.54 -0.38
N MET B 163 14.52 23.10 -0.25
CA MET B 163 15.28 23.22 0.98
C MET B 163 15.82 24.63 1.17
N GLY B 164 16.28 25.25 0.08
CA GLY B 164 16.89 26.55 0.12
C GLY B 164 18.38 26.52 -0.14
N VAL B 165 18.85 25.58 -0.94
CA VAL B 165 20.27 25.49 -1.28
C VAL B 165 20.51 26.22 -2.60
N PRO B 166 21.47 27.13 -2.66
CA PRO B 166 21.69 27.90 -3.90
C PRO B 166 22.23 27.01 -5.02
N GLU B 167 21.82 27.31 -6.26
CA GLU B 167 22.28 26.57 -7.45
C GLU B 167 23.77 26.26 -7.42
N PRO B 168 24.66 27.22 -7.12
CA PRO B 168 26.10 26.96 -7.23
C PRO B 168 26.61 25.97 -6.21
N ASP B 169 25.81 25.52 -5.25
CA ASP B 169 26.23 24.55 -4.25
C ASP B 169 25.72 23.14 -4.54
N HIS B 170 24.96 22.98 -5.60
CA HIS B 170 24.45 21.66 -5.94
C HIS B 170 25.56 20.64 -6.02
N HIS B 171 26.67 21.01 -6.66
CA HIS B 171 27.79 20.07 -6.86
C HIS B 171 28.25 19.50 -5.54
N LEU B 172 28.21 20.29 -4.46
CA LEU B 172 28.69 19.78 -3.17
C LEU B 172 27.80 18.66 -2.65
N PHE B 173 26.49 18.82 -2.77
CA PHE B 173 25.57 17.82 -2.27
C PHE B 173 25.59 16.55 -3.12
N TRP B 174 25.85 16.68 -4.44
CA TRP B 174 26.14 15.48 -5.23
C TRP B 174 27.30 14.70 -4.63
N GLY B 175 28.39 15.40 -4.31
CA GLY B 175 29.56 14.72 -3.78
C GLY B 175 29.26 14.03 -2.47
N TRP B 176 28.59 14.73 -1.56
CA TRP B 176 28.23 14.11 -0.28
C TRP B 176 27.32 12.90 -0.50
N ALA B 177 26.38 13.02 -1.44
CA ALA B 177 25.41 11.95 -1.65
C ALA B 177 26.10 10.73 -2.22
N GLU B 178 27.04 10.93 -3.15
CA GLU B 178 27.69 9.77 -3.77
C GLU B 178 28.61 9.11 -2.75
N THR B 179 29.10 9.86 -1.77
CA THR B 179 29.89 9.24 -0.71
C THR B 179 29.06 8.28 0.13
N ILE B 180 27.87 8.72 0.54
CA ILE B 180 26.97 7.82 1.26
C ILE B 180 26.71 6.57 0.44
N LEU B 181 26.50 6.74 -0.85
CA LEU B 181 25.95 5.69 -1.70
C LEU B 181 27.02 4.79 -2.32
N SER B 182 28.30 5.09 -2.17
CA SER B 182 29.31 4.18 -2.72
C SER B 182 29.65 3.00 -1.78
N ASN B 183 29.72 1.79 -2.37
CA ASN B 183 30.11 0.62 -1.59
C ASN B 183 31.54 0.73 -1.04
N ASP B 184 32.39 1.54 -1.67
CA ASP B 184 33.81 1.63 -1.33
C ASP B 184 34.12 2.73 -0.32
N THR B 185 33.10 3.35 0.24
CA THR B 185 33.24 4.37 1.24
C THR B 185 33.64 3.76 2.58
N THR B 186 34.64 4.34 3.22
CA THR B 186 35.11 3.87 4.53
C THR B 186 34.49 4.69 5.64
N PRO B 187 34.62 4.25 6.90
CA PRO B 187 34.14 5.09 8.00
C PRO B 187 34.82 6.45 8.04
N ASP B 188 36.07 6.54 7.56
CA ASP B 188 36.79 7.80 7.48
C ASP B 188 36.17 8.72 6.46
N ASP B 189 35.96 8.21 5.24
CA ASP B 189 35.25 8.96 4.22
C ASP B 189 33.96 9.52 4.79
N LEU B 190 33.25 8.74 5.60
CA LEU B 190 31.96 9.16 6.17
C LEU B 190 32.13 10.27 7.23
N ILE B 191 33.17 10.16 8.06
CA ILE B 191 33.54 11.26 8.96
C ILE B 191 33.76 12.54 8.18
N ARG B 192 34.65 12.49 7.18
CA ARG B 192 34.96 13.69 6.40
C ARG B 192 33.70 14.30 5.82
N ARG B 193 32.82 13.45 5.25
CA ARG B 193 31.51 13.91 4.78
C ARG B 193 30.70 14.53 5.92
N TYR B 194 30.59 13.82 7.05
CA TYR B 194 29.86 14.38 8.19
C TYR B 194 30.40 15.77 8.54
N GLN B 195 31.73 15.93 8.56
CA GLN B 195 32.31 17.21 8.96
C GLN B 195 31.97 18.31 7.95
N GLU B 196 32.23 18.05 6.67
CA GLU B 196 31.95 19.03 5.63
C GLU B 196 30.47 19.38 5.60
N PHE B 197 29.59 18.39 5.81
CA PHE B 197 28.17 18.67 5.69
C PHE B 197 27.70 19.48 6.88
N THR B 198 28.19 19.13 8.07
CA THR B 198 27.82 19.85 9.28
C THR B 198 28.25 21.30 9.18
N ALA B 199 29.46 21.54 8.66
CA ALA B 199 29.93 22.92 8.52
C ALA B 199 29.02 23.68 7.59
N TYR B 200 28.74 23.12 6.41
CA TYR B 200 27.85 23.79 5.45
C TYR B 200 26.49 24.08 6.07
N MET B 201 25.92 23.07 6.73
CA MET B 201 24.58 23.22 7.30
C MET B 201 24.59 24.20 8.47
N GLY B 202 25.65 24.18 9.29
CA GLY B 202 25.77 25.15 10.37
C GLY B 202 25.75 26.59 9.87
N ALA B 203 26.53 26.86 8.82
CA ALA B 203 26.49 28.17 8.19
C ALA B 203 25.08 28.52 7.75
N MET B 204 24.34 27.56 7.17
CA MET B 204 23.00 27.89 6.70
C MET B 204 22.03 28.14 7.84
N VAL B 205 22.30 27.51 8.99
CA VAL B 205 21.51 27.81 10.18
C VAL B 205 21.77 29.24 10.63
N GLU B 206 23.04 29.63 10.76
CA GLU B 206 23.36 31.00 11.14
C GLU B 206 22.58 31.97 10.29
N GLU B 207 22.60 31.76 8.97
CA GLU B 207 21.86 32.61 8.04
C GLU B 207 20.39 32.73 8.42
N ARG B 208 19.68 31.59 8.54
CA ARG B 208 18.24 31.66 8.78
C ARG B 208 17.90 32.26 10.15
N ARG B 209 18.77 32.07 11.13
CA ARG B 209 18.60 32.71 12.43
C ARG B 209 18.63 34.24 12.31
N ALA B 210 19.55 34.80 11.51
CA ALA B 210 19.59 36.24 11.29
C ALA B 210 18.47 36.74 10.37
N ARG B 211 18.18 36.01 9.30
CA ARG B 211 17.15 36.39 8.33
C ARG B 211 16.28 35.17 8.04
N PRO B 212 15.16 35.01 8.75
CA PRO B 212 14.34 33.81 8.55
C PRO B 212 13.80 33.77 7.14
N THR B 213 13.72 32.55 6.58
CA THR B 213 13.34 32.35 5.19
C THR B 213 12.27 31.28 5.10
N ASP B 214 11.47 31.38 4.04
CA ASP B 214 10.32 30.50 3.84
C ASP B 214 10.66 29.31 2.93
N ASP B 215 11.61 28.50 3.36
CA ASP B 215 11.95 27.24 2.71
C ASP B 215 12.00 26.15 3.78
N MET B 216 12.32 24.92 3.36
CA MET B 216 12.31 23.83 4.34
C MET B 216 13.40 24.00 5.39
N PHE B 217 14.57 24.52 5.01
CA PHE B 217 15.61 24.86 5.99
C PHE B 217 15.07 25.81 7.05
N GLY B 218 14.43 26.89 6.59
CA GLY B 218 13.84 27.87 7.49
C GLY B 218 12.83 27.24 8.40
N MET B 219 12.00 26.35 7.84
CA MET B 219 11.05 25.59 8.61
C MET B 219 11.74 24.78 9.67
N LEU B 220 12.80 24.07 9.29
CA LEU B 220 13.51 23.26 10.29
C LEU B 220 14.15 24.13 11.36
N VAL B 221 14.70 25.29 10.98
CA VAL B 221 15.33 26.14 12.01
C VAL B 221 14.27 26.67 12.97
N ARG B 222 13.10 27.04 12.46
CA ARG B 222 12.04 27.49 13.36
C ARG B 222 11.59 26.36 14.27
N ALA B 223 11.57 25.11 13.75
CA ALA B 223 11.16 23.98 14.58
C ALA B 223 12.16 23.71 15.67
N CYS B 224 13.43 24.00 15.40
CA CYS B 224 14.46 23.85 16.43
C CYS B 224 14.38 25.00 17.42
N ASP B 225 14.48 26.24 16.92
CA ASP B 225 14.67 27.44 17.73
C ASP B 225 13.38 28.06 18.28
N GLU B 226 12.33 28.15 17.45
CA GLU B 226 11.11 28.77 17.91
C GLU B 226 10.25 27.76 18.66
N GLU B 227 10.09 26.56 18.12
CA GLU B 227 9.14 25.61 18.69
C GLU B 227 9.73 24.65 19.72
N GLY B 228 11.05 24.48 19.73
CA GLY B 228 11.63 23.45 20.58
C GLY B 228 11.17 22.05 20.21
N ARG B 229 10.62 21.88 19.00
CA ARG B 229 10.16 20.56 18.58
C ARG B 229 11.33 19.61 18.34
N ILE B 230 12.46 20.12 17.82
CA ILE B 230 13.60 19.26 17.50
C ILE B 230 14.85 19.93 18.04
N THR B 231 15.83 19.09 18.37
CA THR B 231 17.18 19.56 18.63
C THR B 231 17.94 19.98 17.35
N GLU B 232 19.14 20.49 17.59
CA GLU B 232 19.98 20.82 16.47
C GLU B 232 20.48 19.57 15.76
N ILE B 233 20.83 18.54 16.47
CA ILE B 233 21.27 17.35 15.76
C ILE B 233 20.12 16.68 15.00
N GLU B 234 18.89 16.83 15.45
CA GLU B 234 17.75 16.30 14.68
C GLU B 234 17.52 17.14 13.42
N MET B 235 17.60 18.46 13.55
CA MET B 235 17.52 19.36 12.40
C MET B 235 18.55 19.02 11.36
N HIS B 236 19.80 18.83 11.79
CA HIS B 236 20.81 18.43 10.82
C HIS B 236 20.49 17.07 10.21
N ALA B 237 20.03 16.13 11.05
CA ALA B 237 19.79 14.79 10.56
C ALA B 237 18.74 14.81 9.45
N LEU B 238 17.68 15.59 9.62
CA LEU B 238 16.59 15.55 8.65
C LEU B 238 17.04 16.16 7.34
N ALA B 239 17.84 17.24 7.44
CA ALA B 239 18.35 17.92 6.25
C ALA B 239 19.26 16.97 5.49
N SER B 240 20.04 16.21 6.25
CA SER B 240 20.96 15.26 5.66
C SER B 240 20.21 14.15 4.95
N ASP B 241 19.13 13.65 5.59
CA ASP B 241 18.32 12.61 4.97
C ASP B 241 17.76 13.03 3.63
N LEU B 242 17.17 14.23 3.59
CA LEU B 242 16.47 14.70 2.41
C LEU B 242 17.47 15.02 1.33
N LEU B 243 18.62 15.58 1.70
CA LEU B 243 19.62 15.96 0.70
C LEU B 243 20.49 14.81 0.26
N SER B 244 20.46 13.69 0.96
CA SER B 244 21.15 12.50 0.48
C SER B 244 20.18 11.67 -0.35
N ALA B 245 18.94 11.56 0.09
CA ALA B 245 18.01 10.70 -0.62
C ALA B 245 17.27 11.37 -1.77
N GLY B 246 17.22 12.70 -1.84
CA GLY B 246 16.16 13.39 -2.54
C GLY B 246 16.39 13.69 -4.00
N PHE B 247 17.61 13.54 -4.52
CA PHE B 247 17.81 13.82 -5.93
C PHE B 247 18.56 12.70 -6.64
N VAL B 248 19.50 12.00 -6.00
CA VAL B 248 20.20 10.92 -6.71
C VAL B 248 19.24 9.79 -7.11
N SER B 249 18.27 9.48 -6.25
CA SER B 249 17.26 8.49 -6.53
C SER B 249 16.55 8.76 -7.87
N THR B 250 15.92 9.92 -7.97
CA THR B 250 15.12 10.27 -9.14
C THR B 250 15.99 10.41 -10.37
N ALA B 251 17.19 10.94 -10.20
CA ALA B 251 18.13 11.06 -11.31
C ALA B 251 18.34 9.71 -11.93
N HIS B 252 18.70 8.71 -11.12
CA HIS B 252 18.88 7.36 -11.63
C HIS B 252 17.61 6.84 -12.32
N GLN B 253 16.44 7.10 -11.73
CA GLN B 253 15.20 6.52 -12.26
C GLN B 253 14.76 7.21 -13.54
N ILE B 254 15.01 8.52 -13.66
CA ILE B 254 14.72 9.16 -14.93
C ILE B 254 15.46 8.45 -16.05
N ALA B 255 16.75 8.16 -15.83
CA ALA B 255 17.55 7.51 -16.89
C ALA B 255 17.10 6.06 -17.11
N ASN B 256 16.94 5.30 -16.00
CA ASN B 256 16.43 3.93 -16.07
C ASN B 256 15.12 3.86 -16.83
N PHE B 257 14.16 4.71 -16.46
CA PHE B 257 12.85 4.67 -17.10
C PHE B 257 12.94 5.00 -18.58
N THR B 258 13.67 6.06 -18.94
CA THR B 258 13.80 6.39 -20.35
C THR B 258 14.47 5.27 -21.13
N ALA B 259 15.50 4.67 -20.54
CA ALA B 259 16.21 3.61 -21.24
C ALA B 259 15.28 2.41 -21.48
N MET B 260 14.51 2.03 -20.47
CA MET B 260 13.56 0.92 -20.63
C MET B 260 12.62 1.19 -21.79
N LEU B 261 12.05 2.41 -21.84
CA LEU B 261 11.12 2.78 -22.89
C LEU B 261 11.78 2.80 -24.27
N LEU B 262 13.00 3.35 -24.36
CA LEU B 262 13.63 3.50 -25.67
C LEU B 262 14.08 2.15 -26.23
N ALA B 263 14.16 1.13 -25.38
CA ALA B 263 14.56 -0.20 -25.80
C ALA B 263 13.38 -0.96 -26.39
N ARG B 264 12.15 -0.39 -26.32
CA ARG B 264 10.99 -1.07 -26.89
C ARG B 264 10.78 -0.65 -28.34
N PRO B 265 10.26 -1.57 -29.19
CA PRO B 265 10.13 -1.26 -30.63
C PRO B 265 9.42 0.06 -30.87
N GLU B 266 8.31 0.28 -30.17
CA GLU B 266 7.50 1.50 -30.29
C GLU B 266 8.06 2.68 -29.49
N ARG B 267 9.05 2.45 -28.63
CA ARG B 267 9.70 3.49 -27.85
C ARG B 267 8.68 4.30 -27.08
N LEU B 268 8.56 5.61 -27.38
CA LEU B 268 7.64 6.46 -26.65
C LEU B 268 6.26 6.51 -27.27
N GLN B 269 6.09 6.01 -28.49
CA GLN B 269 4.84 6.21 -29.23
C GLN B 269 3.59 5.91 -28.43
N PRO B 270 3.54 4.86 -27.63
CA PRO B 270 2.29 4.61 -26.90
C PRO B 270 1.91 5.74 -25.96
N LEU B 271 2.87 6.29 -25.22
CA LEU B 271 2.61 7.38 -24.28
C LEU B 271 2.42 8.70 -25.02
N VAL B 272 3.02 8.84 -26.21
CA VAL B 272 2.64 9.95 -27.09
C VAL B 272 1.15 9.86 -27.41
N ASP B 273 0.71 8.67 -27.85
CA ASP B 273 -0.65 8.53 -28.32
C ASP B 273 -1.68 8.59 -27.20
N LYS B 274 -1.35 8.03 -26.03
CA LYS B 274 -2.25 7.98 -24.88
C LYS B 274 -1.57 8.65 -23.67
N PRO B 275 -1.47 9.98 -23.66
CA PRO B 275 -0.80 10.66 -22.54
C PRO B 275 -1.37 10.28 -21.18
N GLU B 276 -2.66 9.96 -21.14
CA GLU B 276 -3.34 9.66 -19.90
C GLU B 276 -2.80 8.37 -19.27
N GLN B 277 -2.05 7.56 -20.01
CA GLN B 277 -1.47 6.33 -19.48
C GLN B 277 -0.10 6.53 -18.85
N ILE B 278 0.35 7.77 -18.72
CA ILE B 278 1.71 8.02 -18.20
C ILE B 278 1.82 7.65 -16.72
N PRO B 279 0.87 8.08 -15.88
CA PRO B 279 0.93 7.67 -14.46
C PRO B 279 1.02 6.17 -14.31
N ALA B 280 0.18 5.40 -15.02
CA ALA B 280 0.27 3.93 -14.97
C ALA B 280 1.65 3.43 -15.40
N ALA B 281 2.23 4.07 -16.42
CA ALA B 281 3.54 3.65 -16.89
C ALA B 281 4.61 3.90 -15.84
N VAL B 282 4.54 5.04 -15.15
CA VAL B 282 5.46 5.29 -14.04
C VAL B 282 5.32 4.18 -13.01
N GLU B 283 4.09 3.74 -12.70
CA GLU B 283 3.96 2.71 -11.67
C GLU B 283 4.48 1.36 -12.17
N GLU B 284 4.22 1.02 -13.43
CA GLU B 284 4.82 -0.23 -13.93
C GLU B 284 6.36 -0.18 -13.91
N LEU B 285 6.95 0.93 -14.35
CA LEU B 285 8.41 1.01 -14.32
C LEU B 285 8.95 0.97 -12.88
N MET B 286 8.26 1.59 -11.92
CA MET B 286 8.61 1.46 -10.50
C MET B 286 8.63 0.00 -10.05
N ARG B 287 7.65 -0.78 -10.52
CA ARG B 287 7.61 -2.19 -10.13
C ARG B 287 8.75 -2.95 -10.77
N HIS B 288 9.03 -2.69 -12.06
CA HIS B 288 9.91 -3.55 -12.87
C HIS B 288 11.40 -3.24 -12.73
N VAL B 289 11.77 -1.96 -12.66
CA VAL B 289 13.18 -1.58 -12.55
C VAL B 289 13.75 -2.06 -11.21
N PRO B 290 14.82 -2.86 -11.24
CA PRO B 290 15.56 -3.17 -10.00
C PRO B 290 16.55 -2.06 -9.67
N ILE B 291 16.09 -1.08 -8.91
CA ILE B 291 16.90 0.13 -8.70
C ILE B 291 18.12 -0.15 -7.81
N LEU B 292 18.05 -1.11 -6.90
CA LEU B 292 19.14 -1.36 -5.95
C LEU B 292 20.08 -2.44 -6.48
N SER B 293 21.38 -2.13 -6.53
CA SER B 293 22.40 -3.16 -6.77
C SER B 293 22.51 -4.07 -5.56
N GLY B 294 22.34 -3.53 -4.37
CA GLY B 294 22.33 -4.37 -3.19
C GLY B 294 20.96 -4.50 -2.56
N PHE B 295 20.80 -3.85 -1.42
CA PHE B 295 19.57 -3.89 -0.65
C PHE B 295 19.64 -2.63 0.17
N SER B 296 18.60 -2.32 0.93
CA SER B 296 18.57 -1.02 1.61
C SER B 296 19.11 -1.16 3.03
N PHE B 297 18.25 -1.62 3.94
CA PHE B 297 18.53 -1.70 5.35
C PHE B 297 17.98 -3.05 5.80
N PRO B 298 18.79 -3.85 6.48
CA PRO B 298 18.25 -5.05 7.10
C PRO B 298 17.35 -4.67 8.27
N ARG B 299 16.39 -5.54 8.56
CA ARG B 299 15.61 -5.38 9.78
C ARG B 299 15.89 -6.57 10.69
N TYR B 300 15.59 -6.45 11.97
CA TYR B 300 15.89 -7.48 12.93
C TYR B 300 14.66 -7.86 13.72
N ALA B 301 14.45 -9.16 13.88
CA ALA B 301 13.37 -9.66 14.71
C ALA B 301 13.58 -9.24 16.17
N THR B 302 12.50 -8.71 16.75
CA THR B 302 12.40 -8.33 18.15
C THR B 302 11.85 -9.48 18.98
N GLU B 303 11.42 -10.54 18.33
CA GLU B 303 10.94 -11.76 18.96
C GLU B 303 10.96 -12.83 17.86
N ASP B 304 11.02 -14.10 18.27
CA ASP B 304 10.98 -15.22 17.33
C ASP B 304 9.71 -15.13 16.51
N LEU B 305 9.81 -15.45 15.21
CA LEU B 305 8.63 -15.48 14.35
C LEU B 305 8.87 -16.40 13.17
N GLU B 306 7.78 -16.74 12.48
CA GLU B 306 7.80 -17.64 11.34
C GLU B 306 7.67 -16.90 10.00
N MET B 307 8.50 -17.28 9.05
CA MET B 307 8.49 -16.66 7.73
C MET B 307 8.98 -17.70 6.73
N SER B 308 8.13 -18.03 5.78
CA SER B 308 8.45 -18.93 4.69
C SER B 308 9.19 -20.17 5.19
N GLY B 309 8.53 -20.84 6.14
CA GLY B 309 8.96 -22.14 6.61
C GLY B 309 10.12 -22.12 7.56
N VAL B 310 10.54 -20.95 8.03
CA VAL B 310 11.71 -20.82 8.89
C VAL B 310 11.35 -20.03 10.13
N THR B 311 11.87 -20.47 11.28
CA THR B 311 11.73 -19.71 12.51
C THR B 311 12.86 -18.68 12.55
N VAL B 312 12.50 -17.43 12.46
CA VAL B 312 13.48 -16.35 12.52
C VAL B 312 13.62 -15.95 13.99
N ARG B 313 14.84 -16.00 14.51
CA ARG B 313 15.05 -15.83 15.94
C ARG B 313 15.22 -14.36 16.31
N ARG B 314 14.81 -14.04 17.54
CA ARG B 314 15.00 -12.71 18.07
C ARG B 314 16.41 -12.23 17.78
N GLY B 315 16.53 -11.05 17.18
CA GLY B 315 17.81 -10.43 16.90
C GLY B 315 18.39 -10.71 15.53
N GLU B 316 17.97 -11.79 14.87
CA GLU B 316 18.46 -12.12 13.54
C GLU B 316 17.92 -11.16 12.48
N ALA B 317 18.75 -10.96 11.45
CA ALA B 317 18.53 -9.99 10.38
C ALA B 317 17.82 -10.61 9.19
N VAL B 318 16.87 -9.87 8.63
CA VAL B 318 16.15 -10.26 7.41
C VAL B 318 16.23 -9.08 6.46
N ILE B 319 16.70 -9.31 5.25
CA ILE B 319 16.80 -8.25 4.25
C ILE B 319 15.53 -8.21 3.43
N PRO B 320 14.93 -7.06 3.27
CA PRO B 320 13.77 -6.97 2.41
C PRO B 320 14.18 -6.69 0.97
N VAL B 321 14.02 -7.66 0.07
CA VAL B 321 14.47 -7.48 -1.32
C VAL B 321 13.27 -6.98 -2.10
N ILE B 322 13.17 -5.67 -2.23
CA ILE B 322 11.98 -5.08 -2.85
C ILE B 322 11.88 -5.45 -4.32
N ALA B 323 13.01 -5.65 -5.03
CA ALA B 323 12.93 -6.00 -6.44
C ALA B 323 12.34 -7.40 -6.65
N ALA B 324 12.62 -8.32 -5.74
CA ALA B 324 12.05 -9.67 -5.84
C ALA B 324 10.57 -9.63 -5.48
N ALA B 325 10.20 -8.85 -4.48
CA ALA B 325 8.78 -8.67 -4.17
C ALA B 325 8.01 -8.26 -5.39
N ASN B 326 8.56 -7.32 -6.15
CA ASN B 326 7.88 -6.73 -7.28
C ASN B 326 7.86 -7.65 -8.50
N ARG B 327 8.44 -8.87 -8.40
CA ARG B 327 8.26 -9.92 -9.41
C ARG B 327 7.75 -11.24 -8.83
N ASP B 328 7.17 -11.16 -7.63
CA ASP B 328 6.58 -12.31 -6.99
C ASP B 328 5.65 -13.00 -7.99
N PRO B 329 5.93 -14.26 -8.32
CA PRO B 329 5.24 -14.89 -9.46
C PRO B 329 3.78 -15.09 -9.20
N ASP B 330 3.38 -15.12 -7.92
CA ASP B 330 1.98 -15.33 -7.59
C ASP B 330 1.22 -14.03 -7.55
N VAL B 331 1.90 -12.93 -7.23
CA VAL B 331 1.24 -11.63 -7.24
C VAL B 331 1.19 -11.08 -8.66
N TYR B 332 2.28 -11.23 -9.42
CA TYR B 332 2.39 -10.66 -10.75
C TYR B 332 2.55 -11.69 -11.85
N PRO B 333 1.50 -12.04 -12.61
CA PRO B 333 1.72 -13.00 -13.71
C PRO B 333 2.70 -12.42 -14.71
N ASP B 334 3.52 -13.27 -15.30
CA ASP B 334 4.46 -12.79 -16.30
C ASP B 334 5.24 -11.61 -15.73
N ALA B 335 5.77 -11.78 -14.51
CA ALA B 335 6.31 -10.62 -13.77
C ALA B 335 7.45 -9.93 -14.51
N GLY B 336 8.16 -10.66 -15.33
CA GLY B 336 9.29 -10.12 -16.08
C GLY B 336 8.90 -9.26 -17.25
N ARG B 337 7.65 -9.31 -17.66
CA ARG B 337 7.20 -8.49 -18.75
C ARG B 337 6.89 -7.10 -18.23
N LEU B 338 7.39 -6.11 -18.97
CA LEU B 338 7.08 -4.71 -18.75
C LEU B 338 5.81 -4.40 -19.53
N ASP B 339 4.70 -4.34 -18.78
CA ASP B 339 3.37 -4.10 -19.33
C ASP B 339 2.88 -2.77 -18.79
N LEU B 340 2.89 -1.73 -19.62
CA LEU B 340 2.58 -0.41 -19.12
C LEU B 340 1.10 -0.28 -18.79
N GLU B 341 0.28 -1.24 -19.18
CA GLU B 341 -1.14 -1.22 -18.80
C GLU B 341 -1.46 -2.05 -17.54
N ARG B 342 -0.50 -2.80 -16.99
CA ARG B 342 -0.72 -3.62 -15.80
C ARG B 342 -1.22 -2.78 -14.64
N ASN B 343 -2.24 -3.24 -13.90
CA ASN B 343 -2.58 -2.59 -12.62
C ASN B 343 -2.63 -3.68 -11.57
N GLY B 344 -1.48 -3.98 -10.97
CA GLY B 344 -1.34 -5.13 -10.12
C GLY B 344 -1.61 -4.83 -8.67
N LEU B 345 -1.28 -5.77 -7.84
CA LEU B 345 -1.18 -5.42 -6.44
C LEU B 345 -0.20 -4.24 -6.42
N PRO B 346 -0.31 -3.31 -5.46
CA PRO B 346 0.65 -2.20 -5.29
C PRO B 346 2.08 -2.71 -5.14
N HIS B 347 2.97 -2.18 -5.97
CA HIS B 347 4.38 -2.54 -5.91
C HIS B 347 5.02 -2.00 -4.64
N LEU B 348 6.18 -2.55 -4.29
CA LEU B 348 6.89 -2.17 -3.08
C LEU B 348 8.10 -1.32 -3.43
N GLY B 349 8.10 -0.70 -4.61
CA GLY B 349 9.22 0.10 -5.08
C GLY B 349 9.50 1.36 -4.27
N PHE B 350 8.52 1.87 -3.49
CA PHE B 350 8.77 2.92 -2.50
C PHE B 350 8.83 2.36 -1.08
N GLY B 351 8.93 1.04 -0.97
CA GLY B 351 8.87 0.41 0.32
C GLY B 351 7.46 0.28 0.83
N GLN B 352 7.37 0.18 2.15
CA GLN B 352 6.13 -0.04 2.87
C GLN B 352 6.35 0.22 4.35
N GLY B 353 5.27 0.48 5.08
CA GLY B 353 5.35 0.57 6.53
C GLY B 353 5.98 1.89 6.93
N PRO B 354 6.58 1.95 8.13
CA PRO B 354 7.06 3.26 8.65
C PRO B 354 7.98 4.02 7.70
N HIS B 355 8.96 3.34 7.09
CA HIS B 355 9.97 3.98 6.25
C HIS B 355 9.58 4.08 4.77
N PHE B 356 8.32 3.79 4.43
CA PHE B 356 7.76 4.08 3.11
C PHE B 356 8.21 5.47 2.66
N CYS B 357 8.75 5.55 1.46
CA CYS B 357 9.40 6.76 0.97
C CYS B 357 8.59 8.02 1.25
N ILE B 358 9.14 8.91 2.06
CA ILE B 358 8.53 10.21 2.29
C ILE B 358 8.41 11.02 1.00
N GLY B 359 9.33 10.82 0.05
CA GLY B 359 9.27 11.55 -1.21
C GLY B 359 8.42 10.91 -2.28
N ALA B 360 7.62 9.90 -1.94
CA ALA B 360 7.06 9.05 -3.01
C ALA B 360 6.22 9.88 -3.99
N HIS B 361 5.44 10.81 -3.45
CA HIS B 361 4.61 11.60 -4.34
C HIS B 361 5.46 12.56 -5.16
N LEU B 362 6.49 13.15 -4.56
CA LEU B 362 7.34 14.04 -5.34
C LEU B 362 8.04 13.26 -6.45
N ALA B 363 8.50 12.03 -6.18
CA ALA B 363 9.12 11.21 -7.21
C ALA B 363 8.14 10.89 -8.32
N ARG B 364 6.89 10.59 -7.95
CA ARG B 364 5.88 10.27 -8.96
C ARG B 364 5.63 11.49 -9.85
N VAL B 365 5.60 12.68 -9.26
CA VAL B 365 5.39 13.90 -10.03
C VAL B 365 6.56 14.14 -10.98
N GLU B 366 7.78 13.99 -10.47
CA GLU B 366 8.96 14.19 -11.30
C GLU B 366 8.98 13.21 -12.48
N LEU B 367 8.70 11.94 -12.21
CA LEU B 367 8.78 10.95 -13.27
C LEU B 367 7.63 11.13 -14.24
N GLN B 368 6.44 11.48 -13.75
CA GLN B 368 5.32 11.74 -14.67
C GLN B 368 5.63 12.94 -15.57
N VAL B 369 6.06 14.05 -14.98
CA VAL B 369 6.38 15.26 -15.73
C VAL B 369 7.49 14.99 -16.76
N VAL B 370 8.53 14.26 -16.38
CA VAL B 370 9.59 13.93 -17.33
C VAL B 370 8.99 13.25 -18.55
N LEU B 371 8.17 12.21 -18.33
CA LEU B 371 7.59 11.49 -19.47
C LEU B 371 6.66 12.37 -20.27
N GLU B 372 5.88 13.23 -19.59
CA GLU B 372 5.04 14.19 -20.32
C GLU B 372 5.89 15.04 -21.25
N ALA B 373 6.95 15.62 -20.69
CA ALA B 373 7.80 16.54 -21.46
C ALA B 373 8.50 15.84 -22.60
N LEU B 374 8.99 14.61 -22.36
CA LEU B 374 9.71 13.88 -23.40
C LEU B 374 8.76 13.43 -24.51
N THR B 375 7.55 13.00 -24.15
CA THR B 375 6.59 12.60 -25.16
C THR B 375 6.10 13.80 -25.95
N GLU B 376 5.92 14.94 -25.28
CA GLU B 376 5.36 16.09 -25.96
C GLU B 376 6.39 16.74 -26.88
N ARG B 377 7.66 16.74 -26.47
CA ARG B 377 8.68 17.50 -27.18
C ARG B 377 9.57 16.67 -28.07
N PHE B 378 9.86 15.43 -27.66
CA PHE B 378 10.70 14.54 -28.43
C PHE B 378 10.00 13.22 -28.68
N PRO B 379 8.86 13.27 -29.36
CA PRO B 379 8.04 12.07 -29.55
C PRO B 379 8.77 10.95 -30.23
N ASP B 380 9.79 11.23 -31.04
CA ASP B 380 10.52 10.18 -31.76
C ASP B 380 11.88 9.92 -31.13
N LEU B 381 12.04 10.34 -29.89
CA LEU B 381 13.24 10.05 -29.11
C LEU B 381 13.72 8.62 -29.32
N ARG B 382 15.04 8.48 -29.40
CA ARG B 382 15.64 7.16 -29.52
C ARG B 382 17.03 7.17 -28.92
N PHE B 383 17.56 5.97 -28.66
CA PHE B 383 18.94 5.83 -28.22
C PHE B 383 19.84 6.55 -29.20
N GLY B 384 20.86 7.23 -28.68
CA GLY B 384 21.87 7.90 -29.45
C GLY B 384 23.11 7.07 -29.68
N ILE B 385 23.20 5.90 -29.04
CA ILE B 385 24.26 4.93 -29.31
C ILE B 385 23.61 3.56 -29.41
N PRO B 386 24.32 2.54 -29.91
CA PRO B 386 23.76 1.20 -29.90
C PRO B 386 23.47 0.74 -28.48
N GLU B 387 22.29 0.16 -28.27
CA GLU B 387 21.90 -0.26 -26.94
C GLU B 387 23.00 -1.05 -26.25
N ASN B 388 23.81 -1.78 -27.03
CA ASN B 388 24.87 -2.61 -26.49
C ASN B 388 25.93 -1.80 -25.78
N ALA B 389 26.17 -0.57 -26.25
CA ALA B 389 27.27 0.26 -25.76
C ALA B 389 26.89 1.09 -24.55
N LEU B 390 25.62 1.08 -24.13
CA LEU B 390 25.21 1.82 -22.95
C LEU B 390 26.13 1.51 -21.77
N LYS B 391 26.47 2.54 -21.00
CA LYS B 391 27.45 2.44 -19.90
C LYS B 391 26.76 2.27 -18.55
N TRP B 392 26.46 1.01 -18.15
CA TRP B 392 25.81 0.71 -16.88
C TRP B 392 26.80 0.87 -15.73
N LYS B 393 26.30 1.37 -14.61
CA LYS B 393 27.10 1.65 -13.44
C LYS B 393 27.45 0.37 -12.69
N ARG B 394 28.49 0.49 -11.85
CA ARG B 394 28.96 -0.59 -10.97
C ARG B 394 29.55 0.03 -9.69
N GLY B 395 29.54 -0.75 -8.60
CA GLY B 395 30.07 -0.27 -7.33
C GLY B 395 29.20 0.74 -6.60
N HIS B 396 28.08 1.10 -7.19
CA HIS B 396 27.14 2.08 -6.65
C HIS B 396 26.03 1.34 -5.93
N PHE B 397 25.49 1.96 -4.90
CA PHE B 397 24.29 1.43 -4.26
C PHE B 397 23.18 1.13 -5.27
N MET B 398 23.05 1.94 -6.33
CA MET B 398 21.96 1.70 -7.28
C MET B 398 22.42 1.41 -8.72
N ASN B 399 21.51 0.75 -9.42
CA ASN B 399 21.67 0.48 -10.82
C ASN B 399 21.22 1.70 -11.61
N GLY B 400 22.01 1.98 -12.64
CA GLY B 400 21.72 3.09 -13.51
C GLY B 400 22.78 3.25 -14.58
N LEU B 401 22.77 4.42 -15.20
CA LEU B 401 23.60 4.69 -16.38
C LEU B 401 24.58 5.81 -16.07
N HIS B 402 25.84 5.63 -16.49
CA HIS B 402 26.79 6.74 -16.42
C HIS B 402 26.37 7.83 -17.38
N GLU B 403 25.86 7.42 -18.54
CA GLU B 403 25.36 8.34 -19.53
C GLU B 403 24.18 7.70 -20.23
N LEU B 404 23.36 8.54 -20.87
CA LEU B 404 22.25 8.07 -21.71
C LEU B 404 22.18 8.99 -22.92
N PRO B 405 22.96 8.72 -23.96
CA PRO B 405 22.82 9.47 -25.23
C PRO B 405 21.47 9.22 -25.88
N VAL B 406 20.79 10.31 -26.25
CA VAL B 406 19.50 10.22 -26.93
C VAL B 406 19.53 11.06 -28.19
N ALA B 407 18.69 10.70 -29.17
CA ALA B 407 18.63 11.41 -30.45
C ALA B 407 17.17 11.65 -30.80
N TRP B 408 16.93 12.62 -31.69
CA TRP B 408 15.57 13.04 -32.02
C TRP B 408 15.50 13.78 -33.37
#